data_6WF1
#
_entry.id   6WF1
#
_cell.length_a   127.021
_cell.length_b   127.021
_cell.length_c   158.370
_cell.angle_alpha   90.000
_cell.angle_beta   90.000
_cell.angle_gamma   120.000
#
_symmetry.space_group_name_H-M   'P 3 2 1'
#
loop_
_entity.id
_entity.type
_entity.pdbx_description
1 polymer Hemagglutinin
2 polymer 'Hemagglutinin HA2 chain'
3 polymer 'heavy chain'
4 polymer 'light chain'
5 non-polymer 2-acetamido-2-deoxy-beta-D-glucopyranose
#
loop_
_entity_poly.entity_id
_entity_poly.type
_entity_poly.pdbx_seq_one_letter_code
_entity_poly.pdbx_strand_id
1 'polypeptide(L)'
;DKICLGHHAVANGTIVKTLTNEQEEVTNATETVESTGINRLCMKGRKHKDLGNCHPIGMLIGTPACDLHLTGMWDTLIER
ENAIAYCYPGATVNVEALRQKIMESGGINKISTGFTYGSSINSAGTTRACMRNGGNSFYAELKWLVSKSKGQNFPQTTNT
YRNTDTAEHLIMWGIHHPSSTQEKNDLYGTQSLSISVGSSTYRNNFVPVVGARPQVNGQSGRIDFHWTLVQPGDNITFSH
NGGLIAPSRVSKLIGRGLGIQSDAPIDNNCESKCFWRGGSINTRLPFQNLSPRTVGQCPKYVNRRSLMLATGMRNVPELI
QGR
;
A
2 'polypeptide(L)'
;GLFGAIAGFLENGWEGMVDGWYGFRHQNAQGTGQAADYKSTQAAIDQITGKLNRLVEKTNTEFESIESEFSEIEHQIGNV
INWTKDSITDIWTYQAELLVAMENQHTIDMADSEMLNLYERVRKQLRQNAEEDGKGCFEIYHACDDSCMESIRNNTYDHS
QYREEALLNRLNINSGRLVPRGSPGSGYIPEAPRDGQAYVRKDGEWVLLSTFLGHHHHHH
;
B
3 'polypeptide(L)'
;QVQLLESGGGVVQPGRSLRLSCAASGFTFSNYGMHWVRQAPGKGLEWVAIISFDGSKKYYANSVKGRSTISRDNSKNTLS
LQMESLGPEDTALYYCAKLPSPYYFDSRFVWVAASAFHFWGQGILVTVSSASTKGPSVFPLAPTSKSTSGGTAALGCLVK
DYFPEPVTVSWNSGALTSGVHTFPAVLQSSGLYSLSSVVTVPSSSLGTQTYICNVNHKPSNTKVDKRVEPK
;
H
4 'polypeptide(L)'
;MLTQPPSASGTPGQRVTISCSGSSSNIGGNTVHWFQQLPGTAPKLLIYTNSLRPSGVPDRFSGSKSGTSASLAISGLQSE
DEADYYCAAWDDSLNGQVFGGGTKLTVLGQPKAAPSVTLFPPSSEELQANKATLVCLISDFYPGAVTVAWKADSSPVKAG
VETTTPSKQSNNKYAASSYLSLTPEQWKSHRSYSCQVTHEGSTVEKTVAPTEC
;
L
#
loop_
_chem_comp.id
_chem_comp.type
_chem_comp.name
_chem_comp.formula
NAG D-saccharide, beta linking 2-acetamido-2-deoxy-beta-D-glucopyranose 'C8 H15 N O6'
#
# COMPACT_ATOMS: atom_id res chain seq x y z
N ASP A 1 -9.48 -9.74 56.38
CA ASP A 1 -9.25 -9.19 55.05
C ASP A 1 -10.12 -9.89 54.02
N LYS A 2 -10.28 -9.27 52.85
CA LYS A 2 -11.16 -9.80 51.83
C LYS A 2 -10.75 -9.24 50.47
N ILE A 3 -10.86 -10.07 49.44
CA ILE A 3 -10.57 -9.68 48.06
C ILE A 3 -11.65 -10.26 47.17
N CYS A 4 -12.17 -9.44 46.26
CA CYS A 4 -13.27 -9.84 45.39
C CYS A 4 -12.84 -9.76 43.93
N LEU A 5 -13.61 -10.44 43.08
CA LEU A 5 -13.39 -10.46 41.64
C LEU A 5 -14.62 -9.92 40.92
N GLY A 6 -14.40 -9.37 39.74
CA GLY A 6 -15.49 -8.81 38.96
C GLY A 6 -15.00 -8.31 37.63
N HIS A 7 -15.97 -8.00 36.77
CA HIS A 7 -15.73 -7.45 35.44
C HIS A 7 -16.15 -5.98 35.40
N HIS A 8 -15.77 -5.30 34.32
CA HIS A 8 -16.13 -3.90 34.15
C HIS A 8 -17.40 -3.76 33.32
N ALA A 9 -17.94 -2.54 33.31
CA ALA A 9 -19.16 -2.24 32.57
C ALA A 9 -19.17 -0.75 32.25
N VAL A 10 -20.16 -0.34 31.47
CA VAL A 10 -20.33 1.05 31.08
C VAL A 10 -21.78 1.46 31.33
N ALA A 11 -21.97 2.77 31.48
CA ALA A 11 -23.32 3.30 31.69
C ALA A 11 -24.16 3.16 30.44
N ASN A 12 -23.68 3.69 29.32
CA ASN A 12 -24.37 3.57 28.03
C ASN A 12 -23.80 2.36 27.30
N GLY A 13 -24.49 1.22 27.42
CA GLY A 13 -24.06 0.03 26.74
C GLY A 13 -24.51 -0.03 25.29
N THR A 14 -23.99 -1.01 24.57
CA THR A 14 -24.31 -1.20 23.16
C THR A 14 -25.07 -2.51 22.99
N ILE A 15 -26.17 -2.46 22.24
CA ILE A 15 -27.03 -3.62 22.06
C ILE A 15 -26.60 -4.37 20.81
N VAL A 16 -26.38 -5.68 20.94
CA VAL A 16 -26.02 -6.55 19.84
C VAL A 16 -26.98 -7.72 19.80
N LYS A 17 -26.99 -8.40 18.65
CA LYS A 17 -27.87 -9.55 18.42
C LYS A 17 -27.04 -10.83 18.44
N THR A 18 -27.54 -11.84 19.16
CA THR A 18 -26.85 -13.11 19.27
C THR A 18 -27.75 -14.26 18.86
N LEU A 19 -27.30 -15.50 19.08
CA LEU A 19 -28.11 -16.66 18.73
C LEU A 19 -29.19 -16.94 19.76
N THR A 20 -28.97 -16.57 21.02
CA THR A 20 -29.92 -16.82 22.08
C THR A 20 -30.65 -15.56 22.57
N ASN A 21 -30.07 -14.39 22.37
CA ASN A 21 -30.66 -13.14 22.84
C ASN A 21 -30.63 -12.12 21.71
N GLU A 22 -31.81 -11.57 21.40
CA GLU A 22 -31.90 -10.56 20.34
C GLU A 22 -31.27 -9.24 20.76
N GLN A 23 -31.39 -8.90 22.04
CA GLN A 23 -30.89 -7.63 22.58
C GLN A 23 -29.99 -7.93 23.77
N GLU A 24 -28.68 -8.04 23.52
CA GLU A 24 -27.70 -8.27 24.56
C GLU A 24 -26.81 -7.04 24.70
N GLU A 25 -26.63 -6.58 25.94
CA GLU A 25 -25.86 -5.38 26.21
C GLU A 25 -24.39 -5.72 26.41
N VAL A 26 -23.52 -4.99 25.71
CA VAL A 26 -22.08 -5.17 25.81
C VAL A 26 -21.44 -3.80 25.89
N THR A 27 -20.11 -3.76 25.87
CA THR A 27 -19.38 -2.50 25.89
C THR A 27 -19.42 -1.87 24.50
N ASN A 28 -18.59 -0.86 24.29
CA ASN A 28 -18.44 -0.23 22.98
C ASN A 28 -18.24 -1.30 21.91
N ALA A 29 -19.19 -1.37 20.98
CA ALA A 29 -19.19 -2.36 19.91
C ALA A 29 -18.94 -1.67 18.56
N THR A 30 -19.03 -2.45 17.48
CA THR A 30 -18.70 -1.97 16.14
C THR A 30 -19.83 -2.32 15.17
N GLU A 31 -20.19 -1.37 14.31
CA GLU A 31 -21.16 -1.62 13.25
C GLU A 31 -20.49 -2.36 12.10
N THR A 32 -21.22 -3.29 11.49
CA THR A 32 -20.70 -4.09 10.39
C THR A 32 -21.33 -3.78 9.05
N VAL A 33 -22.43 -3.04 9.01
CA VAL A 33 -23.13 -2.71 7.78
C VAL A 33 -22.87 -1.24 7.45
N GLU A 34 -22.25 -0.99 6.31
CA GLU A 34 -22.00 0.37 5.87
C GLU A 34 -23.27 0.96 5.27
N SER A 35 -23.55 2.23 5.61
CA SER A 35 -24.77 2.88 5.17
C SER A 35 -24.54 4.23 4.49
N THR A 36 -23.30 4.70 4.37
CA THR A 36 -23.01 5.98 3.77
C THR A 36 -21.85 5.85 2.79
N GLY A 37 -21.96 6.52 1.64
CA GLY A 37 -20.92 6.54 0.64
C GLY A 37 -20.52 7.95 0.29
N ILE A 38 -19.58 8.05 -0.65
CA ILE A 38 -19.06 9.33 -1.13
C ILE A 38 -19.70 9.63 -2.48
N ASN A 39 -20.28 10.81 -2.62
CA ASN A 39 -20.93 11.20 -3.87
C ASN A 39 -19.89 11.74 -4.85
N ARG A 40 -18.83 10.98 -5.06
CA ARG A 40 -17.76 11.35 -5.98
C ARG A 40 -17.21 10.09 -6.61
N LEU A 41 -16.49 10.27 -7.72
CA LEU A 41 -15.80 9.19 -8.40
C LEU A 41 -14.30 9.41 -8.20
N CYS A 42 -13.76 8.75 -7.17
CA CYS A 42 -12.34 8.88 -6.83
C CYS A 42 -11.51 8.21 -7.91
N MET A 43 -10.88 9.01 -8.77
CA MET A 43 -10.09 8.51 -9.89
C MET A 43 -8.60 8.77 -9.73
N LYS A 44 -8.16 9.24 -8.56
CA LYS A 44 -6.73 9.40 -8.33
C LYS A 44 -6.05 8.04 -8.36
N GLY A 45 -4.93 7.96 -9.08
CA GLY A 45 -4.31 6.68 -9.34
C GLY A 45 -4.99 5.85 -10.41
N ARG A 46 -5.90 6.45 -11.17
CA ARG A 46 -6.59 5.76 -12.25
C ARG A 46 -6.63 6.66 -13.47
N LYS A 47 -6.10 6.18 -14.60
CA LYS A 47 -6.10 6.94 -15.85
C LYS A 47 -7.51 6.89 -16.43
N HIS A 48 -8.38 7.74 -15.89
CA HIS A 48 -9.77 7.77 -16.32
C HIS A 48 -9.92 8.55 -17.62
N LYS A 49 -11.06 8.35 -18.27
CA LYS A 49 -11.42 9.08 -19.49
C LYS A 49 -12.92 9.33 -19.46
N ASP A 50 -13.30 10.58 -19.24
CA ASP A 50 -14.72 10.94 -19.16
C ASP A 50 -15.26 11.17 -20.56
N LEU A 51 -16.25 10.37 -20.95
CA LEU A 51 -16.83 10.51 -22.29
C LEU A 51 -17.67 11.78 -22.42
N GLY A 52 -18.27 12.24 -21.33
CA GLY A 52 -19.14 13.40 -21.37
C GLY A 52 -20.40 13.14 -22.17
N ASN A 53 -20.62 13.94 -23.22
CA ASN A 53 -21.76 13.74 -24.11
C ASN A 53 -21.46 12.77 -25.25
N CYS A 54 -20.44 11.92 -25.08
CA CYS A 54 -20.06 10.94 -26.09
C CYS A 54 -20.48 9.55 -25.64
N HIS A 55 -21.03 8.77 -26.58
CA HIS A 55 -21.48 7.41 -26.34
C HIS A 55 -20.45 6.41 -26.88
N PRO A 56 -20.30 5.25 -26.25
CA PRO A 56 -19.33 4.26 -26.74
C PRO A 56 -19.46 3.91 -28.21
N ILE A 57 -20.67 3.91 -28.76
CA ILE A 57 -20.84 3.58 -30.18
C ILE A 57 -20.27 4.68 -31.05
N GLY A 58 -20.42 5.94 -30.63
CA GLY A 58 -19.88 7.06 -31.38
C GLY A 58 -18.37 7.05 -31.49
N MET A 59 -17.68 6.37 -30.57
CA MET A 59 -16.24 6.24 -30.68
C MET A 59 -15.86 5.33 -31.83
N LEU A 60 -16.64 4.27 -32.06
CA LEU A 60 -16.36 3.35 -33.15
C LEU A 60 -16.82 3.90 -34.49
N ILE A 61 -18.00 4.53 -34.53
CA ILE A 61 -18.52 5.03 -35.79
C ILE A 61 -17.98 6.41 -36.13
N GLY A 62 -17.60 7.20 -35.12
CA GLY A 62 -17.01 8.50 -35.39
C GLY A 62 -18.00 9.64 -35.38
N THR A 63 -18.90 9.66 -34.41
CA THR A 63 -19.86 10.74 -34.31
C THR A 63 -19.13 12.04 -33.91
N PRO A 64 -19.69 13.21 -34.25
CA PRO A 64 -19.02 14.46 -33.87
C PRO A 64 -18.79 14.59 -32.37
N ALA A 65 -19.79 14.27 -31.55
CA ALA A 65 -19.66 14.39 -30.10
C ALA A 65 -18.57 13.48 -29.53
N CYS A 66 -18.08 12.53 -30.30
CA CYS A 66 -17.00 11.64 -29.87
C CYS A 66 -15.68 11.94 -30.58
N ASP A 67 -15.56 13.11 -31.20
CA ASP A 67 -14.31 13.45 -31.89
C ASP A 67 -13.14 13.53 -30.93
N LEU A 68 -13.39 13.87 -29.66
CA LEU A 68 -12.36 13.90 -28.64
C LEU A 68 -11.99 12.51 -28.13
N HIS A 69 -12.77 11.48 -28.48
CA HIS A 69 -12.59 10.14 -27.91
C HIS A 69 -12.58 9.06 -28.98
N LEU A 70 -12.12 9.40 -30.19
CA LEU A 70 -12.06 8.40 -31.25
C LEU A 70 -11.00 7.34 -30.95
N THR A 71 -9.88 7.74 -30.34
CA THR A 71 -8.84 6.81 -29.94
C THR A 71 -8.40 7.17 -28.52
N GLY A 72 -7.49 6.36 -27.98
CA GLY A 72 -6.95 6.63 -26.66
C GLY A 72 -6.69 5.39 -25.83
N MET A 73 -6.20 5.59 -24.61
CA MET A 73 -5.92 4.50 -23.68
C MET A 73 -6.43 4.89 -22.30
N TRP A 74 -6.93 3.90 -21.57
CA TRP A 74 -7.52 4.15 -20.26
C TRP A 74 -7.64 2.83 -19.51
N ASP A 75 -7.64 2.93 -18.18
CA ASP A 75 -7.93 1.79 -17.32
C ASP A 75 -9.33 1.86 -16.73
N THR A 76 -10.07 2.93 -16.97
CA THR A 76 -11.44 3.06 -16.50
C THR A 76 -12.18 4.00 -17.44
N LEU A 77 -13.25 3.50 -18.05
CA LEU A 77 -14.07 4.28 -18.96
C LEU A 77 -15.36 4.69 -18.27
N ILE A 78 -15.70 5.97 -18.35
CA ILE A 78 -16.85 6.53 -17.65
C ILE A 78 -17.87 6.99 -18.69
N GLU A 79 -19.09 6.46 -18.59
CA GLU A 79 -20.19 6.83 -19.47
C GLU A 79 -21.18 7.70 -18.72
N ARG A 80 -21.80 8.63 -19.45
CA ARG A 80 -22.76 9.57 -18.89
C ARG A 80 -24.15 9.28 -19.43
N GLU A 81 -25.15 9.94 -18.83
CA GLU A 81 -26.54 9.72 -19.20
C GLU A 81 -26.90 10.39 -20.51
N ASN A 82 -26.34 11.56 -20.80
CA ASN A 82 -26.60 12.29 -22.03
C ASN A 82 -25.75 11.79 -23.20
N ALA A 83 -25.18 10.59 -23.13
CA ALA A 83 -24.31 10.08 -24.16
C ALA A 83 -25.02 9.96 -25.50
N ILE A 84 -24.61 10.75 -26.48
CA ILE A 84 -25.21 10.75 -27.81
C ILE A 84 -24.40 9.81 -28.69
N ALA A 85 -25.08 8.86 -29.33
CA ALA A 85 -24.43 7.91 -30.22
C ALA A 85 -24.69 8.18 -31.69
N TYR A 86 -25.80 8.83 -32.03
CA TYR A 86 -26.19 9.05 -33.42
C TYR A 86 -26.44 10.52 -33.65
N CYS A 87 -25.68 11.12 -34.58
CA CYS A 87 -26.06 12.44 -35.08
C CYS A 87 -27.12 12.32 -36.16
N TYR A 88 -27.01 11.30 -37.01
CA TYR A 88 -28.07 10.87 -37.91
C TYR A 88 -28.88 9.75 -37.24
N PRO A 89 -30.20 9.85 -37.20
CA PRO A 89 -31.00 8.91 -36.41
C PRO A 89 -30.85 7.48 -36.90
N GLY A 90 -30.81 6.55 -35.95
CA GLY A 90 -30.66 5.15 -36.30
C GLY A 90 -30.53 4.30 -35.06
N ALA A 91 -30.29 3.01 -35.29
CA ALA A 91 -30.17 2.05 -34.20
C ALA A 91 -29.02 1.10 -34.51
N THR A 92 -28.63 0.31 -33.50
CA THR A 92 -27.51 -0.61 -33.61
C THR A 92 -27.96 -2.01 -33.22
N VAL A 93 -27.59 -2.99 -34.04
CA VAL A 93 -27.94 -4.38 -33.77
C VAL A 93 -27.02 -4.92 -32.68
N ASN A 94 -27.62 -5.57 -31.67
CA ASN A 94 -26.89 -6.10 -30.52
C ASN A 94 -26.08 -5.00 -29.84
N VAL A 95 -26.76 -3.89 -29.54
CA VAL A 95 -26.06 -2.73 -29.00
C VAL A 95 -25.57 -2.98 -27.58
N GLU A 96 -26.25 -3.84 -26.83
CA GLU A 96 -25.82 -4.10 -25.45
C GLU A 96 -24.50 -4.86 -25.42
N ALA A 97 -24.35 -5.87 -26.28
CA ALA A 97 -23.09 -6.61 -26.32
C ALA A 97 -21.93 -5.71 -26.74
N LEU A 98 -22.13 -4.87 -27.74
CA LEU A 98 -21.08 -3.97 -28.17
C LEU A 98 -20.74 -2.95 -27.10
N ARG A 99 -21.76 -2.42 -26.41
CA ARG A 99 -21.51 -1.47 -25.32
C ARG A 99 -20.72 -2.13 -24.21
N GLN A 100 -21.04 -3.38 -23.88
CA GLN A 100 -20.27 -4.10 -22.86
C GLN A 100 -18.84 -4.32 -23.32
N LYS A 101 -18.66 -4.70 -24.59
CA LYS A 101 -17.31 -4.90 -25.11
C LYS A 101 -16.48 -3.62 -25.05
N ILE A 102 -17.11 -2.47 -25.31
CA ILE A 102 -16.38 -1.21 -25.31
C ILE A 102 -16.06 -0.78 -23.88
N MET A 103 -17.04 -0.86 -22.98
CA MET A 103 -16.81 -0.44 -21.61
C MET A 103 -15.82 -1.36 -20.90
N GLU A 104 -15.71 -2.61 -21.34
CA GLU A 104 -14.72 -3.52 -20.78
C GLU A 104 -13.34 -3.31 -21.36
N SER A 105 -13.23 -2.67 -22.51
CA SER A 105 -11.93 -2.46 -23.14
C SER A 105 -11.17 -1.34 -22.45
N GLY A 106 -9.90 -1.21 -22.82
CA GLY A 106 -9.05 -0.18 -22.26
C GLY A 106 -8.33 0.64 -23.30
N GLY A 107 -8.90 0.71 -24.50
CA GLY A 107 -8.29 1.46 -25.58
C GLY A 107 -8.89 1.07 -26.91
N ILE A 108 -8.79 2.00 -27.86
CA ILE A 108 -9.32 1.81 -29.21
C ILE A 108 -8.27 2.30 -30.20
N ASN A 109 -7.93 1.46 -31.18
CA ASN A 109 -7.06 1.84 -32.28
C ASN A 109 -7.83 1.82 -33.58
N LYS A 110 -7.67 2.87 -34.38
CA LYS A 110 -8.35 2.98 -35.66
C LYS A 110 -7.38 2.65 -36.80
N ILE A 111 -7.77 1.72 -37.66
CA ILE A 111 -6.93 1.25 -38.77
C ILE A 111 -7.69 1.48 -40.06
N SER A 112 -7.06 2.17 -41.00
CA SER A 112 -7.69 2.45 -42.29
C SER A 112 -7.93 1.15 -43.07
N THR A 113 -9.03 1.13 -43.81
CA THR A 113 -9.40 -0.04 -44.60
C THR A 113 -8.77 -0.04 -45.98
N GLY A 114 -8.50 1.13 -46.55
CA GLY A 114 -7.93 1.20 -47.87
C GLY A 114 -8.88 0.91 -49.00
N PHE A 115 -10.19 1.00 -48.75
CA PHE A 115 -11.17 0.76 -49.81
C PHE A 115 -11.12 1.88 -50.84
N THR A 116 -11.17 1.49 -52.11
CA THR A 116 -11.15 2.42 -53.22
C THR A 116 -12.42 2.27 -54.05
N TYR A 117 -12.86 3.38 -54.65
CA TYR A 117 -14.08 3.41 -55.44
C TYR A 117 -13.85 4.21 -56.70
N GLY A 118 -14.57 3.85 -57.76
CA GLY A 118 -14.40 4.47 -59.05
C GLY A 118 -14.90 5.90 -59.09
N SER A 119 -14.68 6.53 -60.24
CA SER A 119 -15.10 7.92 -60.43
C SER A 119 -16.61 8.08 -60.51
N SER A 120 -17.36 6.98 -60.59
CA SER A 120 -18.82 7.02 -60.61
C SER A 120 -19.44 7.03 -59.22
N ILE A 121 -18.63 7.07 -58.17
CA ILE A 121 -19.11 7.03 -56.80
C ILE A 121 -18.62 8.28 -56.06
N ASN A 122 -19.55 9.03 -55.48
CA ASN A 122 -19.22 10.19 -54.66
C ASN A 122 -19.22 9.75 -53.20
N SER A 123 -18.03 9.52 -52.66
CA SER A 123 -17.87 8.99 -51.31
C SER A 123 -17.78 10.09 -50.25
N ALA A 124 -18.22 11.30 -50.56
CA ALA A 124 -18.16 12.44 -49.65
C ALA A 124 -19.55 12.97 -49.34
N GLY A 125 -20.50 12.07 -49.12
CA GLY A 125 -21.86 12.49 -48.80
C GLY A 125 -21.92 13.11 -47.41
N THR A 126 -22.66 14.21 -47.31
CA THR A 126 -22.81 14.94 -46.07
C THR A 126 -24.27 15.31 -45.86
N THR A 127 -24.60 15.67 -44.62
CA THR A 127 -25.93 16.12 -44.29
C THR A 127 -25.85 17.13 -43.14
N ARG A 128 -26.90 17.92 -42.99
CA ARG A 128 -26.93 18.97 -41.98
C ARG A 128 -27.16 18.44 -40.58
N ALA A 129 -27.39 17.13 -40.41
CA ALA A 129 -27.63 16.57 -39.08
C ALA A 129 -26.34 16.35 -38.30
N CYS A 130 -25.21 16.18 -38.99
CA CYS A 130 -23.92 15.89 -38.36
C CYS A 130 -22.97 17.06 -38.65
N MET A 131 -22.93 18.03 -37.74
CA MET A 131 -22.07 19.20 -37.89
C MET A 131 -20.73 18.96 -37.21
N ARG A 132 -19.65 19.16 -37.96
CA ARG A 132 -18.30 18.96 -37.43
C ARG A 132 -17.47 20.24 -37.43
N ASN A 133 -17.38 20.94 -38.56
CA ASN A 133 -16.61 22.18 -38.68
C ASN A 133 -17.48 23.28 -39.25
N GLY A 134 -18.66 23.49 -38.67
CA GLY A 134 -19.58 24.49 -39.14
C GLY A 134 -20.28 24.17 -40.44
N GLY A 135 -19.87 23.12 -41.14
CA GLY A 135 -20.53 22.69 -42.36
C GLY A 135 -21.07 21.28 -42.21
N ASN A 136 -21.83 20.85 -43.22
CA ASN A 136 -22.40 19.52 -43.22
C ASN A 136 -21.30 18.47 -43.31
N SER A 137 -21.37 17.46 -42.45
CA SER A 137 -20.37 16.41 -42.39
C SER A 137 -21.08 15.08 -42.10
N PHE A 138 -20.29 14.07 -41.77
CA PHE A 138 -20.79 12.73 -41.49
C PHE A 138 -19.91 12.11 -40.40
N TYR A 139 -20.14 10.82 -40.14
CA TYR A 139 -19.34 10.12 -39.14
C TYR A 139 -17.89 10.02 -39.59
N ALA A 140 -16.97 10.11 -38.61
CA ALA A 140 -15.55 10.17 -38.95
C ALA A 140 -15.02 8.84 -39.44
N GLU A 141 -15.49 7.73 -38.87
CA GLU A 141 -15.00 6.41 -39.21
C GLU A 141 -15.86 5.70 -40.25
N LEU A 142 -16.73 6.43 -40.94
CA LEU A 142 -17.59 5.87 -41.97
C LEU A 142 -17.61 6.80 -43.17
N LYS A 143 -18.09 6.28 -44.29
CA LYS A 143 -18.22 7.05 -45.52
C LYS A 143 -19.51 6.68 -46.24
N TRP A 144 -20.17 7.70 -46.77
CA TRP A 144 -21.47 7.58 -47.42
C TRP A 144 -21.26 7.45 -48.92
N LEU A 145 -21.71 6.32 -49.49
CA LEU A 145 -21.52 6.01 -50.90
C LEU A 145 -22.82 6.26 -51.65
N VAL A 146 -22.81 7.27 -52.53
CA VAL A 146 -23.94 7.59 -53.39
C VAL A 146 -23.44 7.74 -54.82
N SER A 147 -24.39 7.91 -55.74
CA SER A 147 -24.06 8.14 -57.13
C SER A 147 -23.67 9.59 -57.33
N LYS A 148 -22.58 9.81 -58.09
CA LYS A 148 -22.14 11.18 -58.35
C LYS A 148 -23.19 11.96 -59.14
N SER A 149 -23.80 11.33 -60.14
CA SER A 149 -24.92 11.93 -60.84
C SER A 149 -26.19 11.71 -60.03
N LYS A 150 -27.00 12.76 -59.91
CA LYS A 150 -28.17 12.77 -59.04
C LYS A 150 -29.32 11.88 -59.55
N GLY A 151 -29.17 11.11 -60.62
CA GLY A 151 -30.26 10.27 -61.08
C GLY A 151 -29.84 8.91 -61.60
N GLN A 152 -28.55 8.59 -61.53
CA GLN A 152 -28.03 7.36 -62.09
C GLN A 152 -27.99 6.25 -61.05
N ASN A 153 -27.95 5.01 -61.54
CA ASN A 153 -27.89 3.86 -60.66
C ASN A 153 -26.50 3.72 -60.05
N PHE A 154 -26.48 3.22 -58.81
CA PHE A 154 -25.21 2.94 -58.14
C PHE A 154 -24.59 1.68 -58.73
N PRO A 155 -23.32 1.72 -59.14
CA PRO A 155 -22.74 0.55 -59.80
C PRO A 155 -22.48 -0.58 -58.82
N GLN A 156 -22.61 -1.81 -59.33
CA GLN A 156 -22.32 -3.00 -58.53
C GLN A 156 -20.86 -3.01 -58.14
N THR A 157 -20.60 -2.92 -56.84
CA THR A 157 -19.24 -2.77 -56.33
C THR A 157 -18.91 -3.91 -55.36
N THR A 158 -17.64 -4.31 -55.39
CA THR A 158 -17.12 -5.35 -54.51
C THR A 158 -15.86 -4.84 -53.85
N ASN A 159 -15.78 -4.98 -52.53
CA ASN A 159 -14.62 -4.53 -51.76
C ASN A 159 -14.23 -5.60 -50.77
N THR A 160 -12.92 -5.74 -50.53
CA THR A 160 -12.40 -6.80 -49.67
C THR A 160 -11.43 -6.19 -48.67
N TYR A 161 -11.64 -6.50 -47.40
CA TYR A 161 -10.72 -6.11 -46.33
C TYR A 161 -10.07 -7.35 -45.75
N ARG A 162 -8.76 -7.30 -45.57
CA ARG A 162 -7.97 -8.43 -45.08
C ARG A 162 -7.25 -8.01 -43.80
N ASN A 163 -7.53 -8.71 -42.71
CA ASN A 163 -6.92 -8.39 -41.42
C ASN A 163 -5.50 -8.95 -41.38
N THR A 164 -4.53 -8.08 -41.10
CA THR A 164 -3.13 -8.44 -41.07
C THR A 164 -2.51 -8.33 -39.68
N ASP A 165 -3.33 -8.16 -38.65
CA ASP A 165 -2.85 -7.99 -37.29
C ASP A 165 -2.87 -9.32 -36.54
N THR A 166 -2.10 -9.39 -35.46
CA THR A 166 -2.03 -10.58 -34.63
C THR A 166 -3.19 -10.66 -33.64
N ALA A 167 -4.03 -9.64 -33.55
CA ALA A 167 -5.18 -9.63 -32.67
C ALA A 167 -6.45 -9.42 -33.47
N GLU A 168 -7.59 -9.70 -32.84
CA GLU A 168 -8.87 -9.55 -33.52
C GLU A 168 -9.22 -8.08 -33.68
N HIS A 169 -9.96 -7.78 -34.73
CA HIS A 169 -10.42 -6.42 -35.02
C HIS A 169 -11.94 -6.36 -34.96
N LEU A 170 -12.45 -5.15 -34.81
CA LEU A 170 -13.88 -4.89 -34.66
C LEU A 170 -14.32 -3.93 -35.76
N ILE A 171 -15.17 -4.42 -36.66
CA ILE A 171 -15.58 -3.66 -37.84
C ILE A 171 -17.05 -3.31 -37.71
N MET A 172 -17.39 -2.05 -37.98
CA MET A 172 -18.76 -1.57 -37.98
C MET A 172 -19.10 -1.00 -39.36
N TRP A 173 -20.36 -1.15 -39.75
CA TRP A 173 -20.87 -0.61 -40.99
C TRP A 173 -22.34 -0.25 -40.80
N GLY A 174 -22.94 0.34 -41.82
CA GLY A 174 -24.31 0.79 -41.74
C GLY A 174 -25.11 0.43 -42.97
N ILE A 175 -26.41 0.25 -42.75
CA ILE A 175 -27.38 -0.02 -43.80
C ILE A 175 -28.36 1.15 -43.83
N HIS A 176 -28.41 1.86 -44.95
CA HIS A 176 -29.25 3.03 -45.09
C HIS A 176 -30.68 2.63 -45.46
N HIS A 177 -31.64 3.42 -44.98
CA HIS A 177 -33.05 3.23 -45.31
C HIS A 177 -33.64 4.60 -45.61
N PRO A 178 -33.88 4.91 -46.89
CA PRO A 178 -34.39 6.23 -47.26
C PRO A 178 -35.81 6.44 -46.74
N SER A 179 -36.26 7.68 -46.86
CA SER A 179 -37.58 8.09 -46.40
C SER A 179 -38.58 8.29 -47.53
N SER A 180 -38.14 8.23 -48.78
CA SER A 180 -39.04 8.43 -49.91
C SER A 180 -38.46 7.75 -51.15
N THR A 181 -39.34 7.53 -52.13
CA THR A 181 -38.90 6.93 -53.39
C THR A 181 -38.02 7.90 -54.17
N GLN A 182 -38.33 9.20 -54.11
CA GLN A 182 -37.52 10.20 -54.80
C GLN A 182 -36.09 10.20 -54.26
N GLU A 183 -35.94 10.15 -52.93
CA GLU A 183 -34.59 10.11 -52.35
C GLU A 183 -33.84 8.85 -52.77
N LYS A 184 -34.53 7.71 -52.79
CA LYS A 184 -33.89 6.47 -53.20
C LYS A 184 -33.43 6.54 -54.65
N ASN A 185 -34.28 7.06 -55.54
CA ASN A 185 -33.91 7.17 -56.95
C ASN A 185 -32.78 8.17 -57.15
N ASP A 186 -32.73 9.24 -56.34
CA ASP A 186 -31.68 10.22 -56.48
C ASP A 186 -30.35 9.71 -55.94
N LEU A 187 -30.38 8.90 -54.89
CA LEU A 187 -29.14 8.45 -54.25
C LEU A 187 -28.57 7.19 -54.91
N TYR A 188 -29.41 6.22 -55.23
CA TYR A 188 -28.92 4.94 -55.74
C TYR A 188 -29.61 4.48 -57.02
N GLY A 189 -30.48 5.29 -57.60
CA GLY A 189 -31.12 4.94 -58.85
C GLY A 189 -32.35 4.06 -58.67
N THR A 190 -32.85 3.59 -59.81
CA THR A 190 -34.06 2.77 -59.86
C THR A 190 -33.77 1.28 -59.85
N GLN A 191 -32.52 0.88 -59.65
CA GLN A 191 -32.16 -0.53 -59.66
C GLN A 191 -32.56 -1.20 -58.36
N SER A 192 -32.51 -2.53 -58.37
CA SER A 192 -32.81 -3.32 -57.18
C SER A 192 -31.59 -3.36 -56.27
N LEU A 193 -31.73 -2.81 -55.06
CA LEU A 193 -30.59 -2.71 -54.16
C LEU A 193 -30.41 -3.99 -53.37
N SER A 194 -29.15 -4.43 -53.27
CA SER A 194 -28.81 -5.64 -52.53
C SER A 194 -27.42 -5.49 -51.95
N ILE A 195 -27.27 -5.84 -50.68
CA ILE A 195 -26.00 -5.77 -49.97
C ILE A 195 -25.70 -7.15 -49.38
N SER A 196 -24.50 -7.66 -49.61
CA SER A 196 -24.10 -8.96 -49.08
C SER A 196 -22.74 -8.84 -48.41
N VAL A 197 -22.65 -9.30 -47.17
CA VAL A 197 -21.41 -9.32 -46.40
C VAL A 197 -21.02 -10.76 -46.16
N GLY A 198 -19.77 -11.09 -46.48
CA GLY A 198 -19.33 -12.47 -46.34
C GLY A 198 -17.91 -12.64 -45.85
N SER A 199 -17.72 -13.52 -44.87
CA SER A 199 -16.40 -13.85 -44.36
C SER A 199 -16.35 -15.36 -44.12
N SER A 200 -15.26 -15.81 -43.49
CA SER A 200 -15.13 -17.23 -43.15
C SER A 200 -15.96 -17.61 -41.93
N THR A 201 -16.39 -16.63 -41.13
CA THR A 201 -17.16 -16.90 -39.92
C THR A 201 -18.41 -16.02 -39.85
N TYR A 202 -18.81 -15.40 -40.95
CA TYR A 202 -19.98 -14.53 -40.94
C TYR A 202 -20.51 -14.39 -42.36
N ARG A 203 -21.83 -14.46 -42.51
CA ARG A 203 -22.49 -14.27 -43.79
C ARG A 203 -23.86 -13.66 -43.54
N ASN A 204 -24.16 -12.56 -44.25
CA ASN A 204 -25.44 -11.90 -44.06
C ASN A 204 -25.80 -11.12 -45.32
N ASN A 205 -27.08 -10.80 -45.43
CA ASN A 205 -27.61 -10.03 -46.54
C ASN A 205 -28.56 -8.97 -46.01
N PHE A 206 -28.49 -7.76 -46.57
CA PHE A 206 -29.32 -6.65 -46.19
C PHE A 206 -29.88 -5.97 -47.44
N VAL A 207 -31.14 -5.59 -47.37
CA VAL A 207 -31.84 -4.92 -48.46
C VAL A 207 -32.40 -3.61 -47.93
N PRO A 208 -32.07 -2.46 -48.52
CA PRO A 208 -32.64 -1.21 -48.04
C PRO A 208 -34.15 -1.16 -48.26
N VAL A 209 -34.85 -0.53 -47.32
CA VAL A 209 -36.30 -0.44 -47.32
C VAL A 209 -36.70 1.02 -47.24
N VAL A 210 -37.58 1.44 -48.16
CA VAL A 210 -38.11 2.79 -48.14
C VAL A 210 -39.35 2.82 -47.25
N GLY A 211 -39.42 3.82 -46.36
CA GLY A 211 -40.57 3.96 -45.49
C GLY A 211 -40.72 5.35 -44.89
N ALA A 212 -41.96 5.80 -44.70
CA ALA A 212 -42.21 7.10 -44.12
C ALA A 212 -42.12 7.01 -42.60
N ARG A 213 -41.27 7.85 -42.01
CA ARG A 213 -41.00 7.84 -40.58
C ARG A 213 -40.98 9.26 -40.06
N PRO A 214 -41.28 9.47 -38.79
CA PRO A 214 -41.21 10.81 -38.21
C PRO A 214 -39.79 11.35 -38.21
N GLN A 215 -39.67 12.67 -38.09
CA GLN A 215 -38.38 13.33 -38.13
C GLN A 215 -37.69 13.24 -36.77
N VAL A 216 -36.45 12.74 -36.78
CA VAL A 216 -35.58 12.75 -35.60
C VAL A 216 -34.31 13.48 -36.01
N ASN A 217 -33.95 14.52 -35.26
CA ASN A 217 -32.86 15.42 -35.62
C ASN A 217 -33.07 16.03 -37.01
N GLY A 218 -34.34 16.23 -37.40
CA GLY A 218 -34.67 16.82 -38.67
C GLY A 218 -34.69 15.88 -39.85
N GLN A 219 -34.38 14.60 -39.66
CA GLN A 219 -34.34 13.64 -40.75
C GLN A 219 -35.30 12.50 -40.48
N SER A 220 -35.85 11.94 -41.56
CA SER A 220 -36.81 10.84 -41.49
C SER A 220 -36.18 9.50 -41.84
N GLY A 221 -35.31 9.45 -42.85
CA GLY A 221 -34.61 8.22 -43.15
C GLY A 221 -33.71 7.78 -42.02
N ARG A 222 -33.38 6.49 -42.02
CA ARG A 222 -32.66 5.91 -40.90
C ARG A 222 -31.43 5.14 -41.39
N ILE A 223 -30.62 4.70 -40.42
CA ILE A 223 -29.43 3.90 -40.70
C ILE A 223 -29.30 2.87 -39.57
N ASP A 224 -29.29 1.60 -39.93
CA ASP A 224 -29.10 0.52 -38.97
C ASP A 224 -27.63 0.11 -38.97
N PHE A 225 -27.00 0.21 -37.81
CA PHE A 225 -25.58 -0.10 -37.69
C PHE A 225 -25.37 -1.56 -37.30
N HIS A 226 -24.44 -2.22 -37.97
CA HIS A 226 -24.06 -3.59 -37.67
C HIS A 226 -22.56 -3.64 -37.39
N TRP A 227 -22.15 -4.69 -36.67
CA TRP A 227 -20.77 -4.81 -36.26
C TRP A 227 -20.41 -6.28 -36.08
N THR A 228 -19.13 -6.59 -36.25
CA THR A 228 -18.67 -7.96 -36.05
C THR A 228 -17.16 -7.96 -35.77
N LEU A 229 -16.70 -9.08 -35.23
CA LEU A 229 -15.31 -9.29 -34.90
C LEU A 229 -14.64 -10.13 -35.98
N VAL A 230 -13.62 -9.57 -36.62
CA VAL A 230 -12.83 -10.27 -37.62
C VAL A 230 -11.59 -10.83 -36.94
N GLN A 231 -11.39 -12.14 -37.07
CA GLN A 231 -10.26 -12.82 -36.47
C GLN A 231 -9.00 -12.64 -37.31
N PRO A 232 -7.82 -12.78 -36.71
CA PRO A 232 -6.58 -12.58 -37.46
C PRO A 232 -6.47 -13.56 -38.63
N GLY A 233 -6.11 -13.04 -39.79
CA GLY A 233 -5.93 -13.84 -40.98
C GLY A 233 -7.16 -14.04 -41.83
N ASP A 234 -8.28 -13.42 -41.47
CA ASP A 234 -9.53 -13.59 -42.18
C ASP A 234 -9.77 -12.45 -43.16
N ASN A 235 -10.55 -12.74 -44.20
CA ASN A 235 -10.92 -11.77 -45.22
C ASN A 235 -12.42 -11.58 -45.22
N ILE A 236 -12.87 -10.33 -45.36
CA ILE A 236 -14.29 -10.00 -45.34
C ILE A 236 -14.62 -9.20 -46.59
N THR A 237 -15.68 -9.59 -47.29
CA THR A 237 -16.04 -9.02 -48.59
C THR A 237 -17.42 -8.41 -48.52
N PHE A 238 -17.55 -7.20 -49.06
CA PHE A 238 -18.81 -6.50 -49.21
C PHE A 238 -19.14 -6.42 -50.70
N SER A 239 -20.27 -7.00 -51.10
CA SER A 239 -20.79 -6.88 -52.45
C SER A 239 -22.08 -6.08 -52.38
N HIS A 240 -22.03 -4.82 -52.82
CA HIS A 240 -23.15 -3.90 -52.65
C HIS A 240 -23.55 -3.31 -53.98
N ASN A 241 -24.83 -2.90 -54.05
CA ASN A 241 -25.41 -2.31 -55.24
C ASN A 241 -25.87 -0.88 -55.02
N GLY A 242 -25.75 -0.35 -53.81
CA GLY A 242 -26.20 0.99 -53.48
C GLY A 242 -26.96 1.05 -52.19
N GLY A 243 -26.53 1.92 -51.28
CA GLY A 243 -27.12 2.03 -49.96
C GLY A 243 -26.23 1.57 -48.83
N LEU A 244 -25.01 1.15 -49.12
CA LEU A 244 -24.08 0.68 -48.09
C LEU A 244 -23.31 1.86 -47.51
N ILE A 245 -23.21 1.89 -46.18
CA ILE A 245 -22.38 2.85 -45.48
C ILE A 245 -21.04 2.18 -45.22
N ALA A 246 -19.98 2.60 -45.97
CA ALA A 246 -18.77 1.81 -45.86
C ALA A 246 -17.93 2.25 -44.67
N PRO A 247 -17.16 1.33 -44.08
CA PRO A 247 -16.24 1.72 -43.00
C PRO A 247 -14.93 2.25 -43.58
N SER A 248 -14.63 3.51 -43.28
CA SER A 248 -13.35 4.08 -43.71
C SER A 248 -12.22 3.59 -42.83
N ARG A 249 -12.48 3.42 -41.53
CA ARG A 249 -11.51 2.87 -40.60
C ARG A 249 -12.22 1.93 -39.64
N VAL A 250 -11.58 0.80 -39.37
CA VAL A 250 -12.10 -0.18 -38.45
C VAL A 250 -11.43 -0.02 -37.10
N SER A 251 -12.00 -0.63 -36.07
CA SER A 251 -11.55 -0.47 -34.69
C SER A 251 -10.88 -1.73 -34.17
N LYS A 252 -10.02 -1.54 -33.19
CA LYS A 252 -9.38 -2.64 -32.47
C LYS A 252 -9.38 -2.29 -30.99
N LEU A 253 -10.03 -3.13 -30.19
CA LEU A 253 -10.09 -2.93 -28.75
C LEU A 253 -8.83 -3.49 -28.11
N ILE A 254 -8.22 -2.71 -27.21
CA ILE A 254 -6.94 -3.06 -26.60
C ILE A 254 -7.10 -3.10 -25.09
N GLY A 255 -6.75 -4.23 -24.49
CA GLY A 255 -6.69 -4.34 -23.04
C GLY A 255 -8.06 -4.39 -22.39
N ARG A 256 -8.03 -4.48 -21.07
CA ARG A 256 -9.22 -4.53 -20.23
C ARG A 256 -9.42 -3.21 -19.52
N GLY A 257 -10.68 -2.87 -19.28
CA GLY A 257 -11.01 -1.65 -18.57
C GLY A 257 -12.29 -1.82 -17.78
N LEU A 258 -12.42 -1.02 -16.73
CA LEU A 258 -13.60 -1.05 -15.86
C LEU A 258 -14.59 0.00 -16.33
N GLY A 259 -15.76 -0.44 -16.76
CA GLY A 259 -16.79 0.48 -17.24
C GLY A 259 -17.71 0.89 -16.10
N ILE A 260 -17.88 2.21 -15.95
CA ILE A 260 -18.68 2.79 -14.88
C ILE A 260 -19.73 3.71 -15.50
N GLN A 261 -20.99 3.49 -15.14
CA GLN A 261 -22.11 4.33 -15.56
C GLN A 261 -22.65 5.03 -14.32
N SER A 262 -22.34 6.33 -14.20
CA SER A 262 -22.73 7.08 -13.02
C SER A 262 -22.93 8.54 -13.40
N ASP A 263 -23.46 9.31 -12.45
CA ASP A 263 -23.68 10.74 -12.65
C ASP A 263 -22.88 11.61 -11.69
N ALA A 264 -22.21 11.02 -10.70
CA ALA A 264 -21.45 11.80 -9.74
C ALA A 264 -20.21 12.40 -10.40
N PRO A 265 -19.83 13.62 -10.00
CA PRO A 265 -18.63 14.25 -10.56
C PRO A 265 -17.37 13.49 -10.18
N ILE A 266 -16.28 13.83 -10.87
CA ILE A 266 -14.99 13.17 -10.68
C ILE A 266 -14.19 13.96 -9.65
N ASP A 267 -13.58 13.24 -8.71
CA ASP A 267 -12.67 13.84 -7.73
C ASP A 267 -11.28 13.25 -7.99
N ASN A 268 -10.39 14.06 -8.54
CA ASN A 268 -9.03 13.63 -8.88
C ASN A 268 -8.07 13.74 -7.71
N ASN A 269 -8.58 13.81 -6.48
CA ASN A 269 -7.73 13.94 -5.30
C ASN A 269 -7.95 12.82 -4.28
N CYS A 270 -8.93 11.94 -4.52
CA CYS A 270 -9.17 10.79 -3.64
C CYS A 270 -9.03 9.50 -4.45
N GLU A 271 -8.69 8.43 -3.76
CA GLU A 271 -8.46 7.13 -4.37
C GLU A 271 -9.50 6.13 -3.88
N SER A 272 -9.88 5.20 -4.75
CA SER A 272 -10.90 4.22 -4.42
C SER A 272 -10.72 2.99 -5.30
N LYS A 273 -11.47 1.95 -4.97
CA LYS A 273 -11.46 0.72 -5.77
C LYS A 273 -12.85 0.15 -6.01
N CYS A 274 -13.92 0.80 -5.52
CA CYS A 274 -15.28 0.34 -5.72
C CYS A 274 -16.15 1.52 -6.11
N PHE A 275 -17.08 1.29 -7.04
CA PHE A 275 -17.93 2.35 -7.57
C PHE A 275 -19.33 1.80 -7.80
N TRP A 276 -20.29 2.73 -7.87
CA TRP A 276 -21.66 2.40 -8.24
C TRP A 276 -22.26 3.62 -8.93
N ARG A 277 -23.59 3.61 -9.08
CA ARG A 277 -24.25 4.71 -9.77
C ARG A 277 -24.12 6.03 -9.03
N GLY A 278 -24.05 5.98 -7.70
CA GLY A 278 -24.07 7.20 -6.90
C GLY A 278 -22.71 7.74 -6.49
N GLY A 279 -21.67 6.96 -6.68
CA GLY A 279 -20.33 7.44 -6.36
C GLY A 279 -19.42 6.28 -5.98
N SER A 280 -18.54 6.55 -5.02
CA SER A 280 -17.50 5.62 -4.60
C SER A 280 -17.83 5.02 -3.25
N ILE A 281 -17.14 3.93 -2.92
CA ILE A 281 -17.28 3.22 -1.65
C ILE A 281 -15.89 2.97 -1.10
N ASN A 282 -15.57 3.63 0.01
CA ASN A 282 -14.29 3.46 0.70
C ASN A 282 -14.59 2.98 2.12
N THR A 283 -14.52 1.68 2.34
CA THR A 283 -14.80 1.10 3.64
C THR A 283 -14.10 -0.24 3.76
N ARG A 284 -13.85 -0.64 5.01
CA ARG A 284 -13.27 -1.93 5.32
C ARG A 284 -14.31 -2.95 5.78
N LEU A 285 -15.57 -2.53 5.92
CA LEU A 285 -16.61 -3.44 6.34
C LEU A 285 -16.97 -4.42 5.22
N PRO A 286 -17.41 -5.63 5.56
CA PRO A 286 -17.76 -6.61 4.54
C PRO A 286 -19.18 -6.49 3.99
N PHE A 287 -20.02 -5.62 4.54
CA PHE A 287 -21.40 -5.51 4.12
C PHE A 287 -21.79 -4.03 3.96
N GLN A 288 -22.72 -3.79 3.04
CA GLN A 288 -23.24 -2.47 2.78
C GLN A 288 -24.70 -2.58 2.36
N ASN A 289 -25.44 -1.49 2.51
CA ASN A 289 -26.86 -1.47 2.18
C ASN A 289 -27.20 -0.27 1.30
N LEU A 290 -26.28 0.07 0.37
CA LEU A 290 -26.52 1.18 -0.54
C LEU A 290 -27.14 0.72 -1.86
N SER A 291 -26.49 -0.24 -2.53
CA SER A 291 -26.99 -0.69 -3.83
C SER A 291 -26.51 -2.11 -4.10
N PRO A 292 -27.36 -2.98 -4.66
CA PRO A 292 -26.89 -4.32 -5.03
C PRO A 292 -26.04 -4.35 -6.29
N ARG A 293 -26.04 -3.28 -7.09
CA ARG A 293 -25.28 -3.20 -8.32
C ARG A 293 -24.03 -2.36 -8.05
N THR A 294 -22.90 -3.04 -7.84
CA THR A 294 -21.62 -2.40 -7.62
C THR A 294 -20.59 -3.00 -8.57
N VAL A 295 -19.58 -2.21 -8.92
CA VAL A 295 -18.53 -2.63 -9.83
C VAL A 295 -17.18 -2.48 -9.14
N GLY A 296 -16.29 -3.44 -9.38
CA GLY A 296 -14.98 -3.44 -8.80
C GLY A 296 -14.84 -4.38 -7.62
N GLN A 297 -13.89 -4.07 -6.76
CA GLN A 297 -13.64 -4.83 -5.54
C GLN A 297 -14.48 -4.23 -4.43
N CYS A 298 -15.70 -4.74 -4.28
CA CYS A 298 -16.71 -4.18 -3.40
C CYS A 298 -17.15 -5.20 -2.36
N PRO A 299 -17.69 -4.74 -1.23
CA PRO A 299 -18.36 -5.65 -0.31
C PRO A 299 -19.73 -6.06 -0.85
N LYS A 300 -20.29 -7.10 -0.23
CA LYS A 300 -21.55 -7.65 -0.68
C LYS A 300 -22.72 -6.86 -0.10
N TYR A 301 -23.72 -6.62 -0.94
CA TYR A 301 -24.89 -5.85 -0.55
C TYR A 301 -25.81 -6.68 0.34
N VAL A 302 -26.25 -6.10 1.44
CA VAL A 302 -27.18 -6.74 2.35
C VAL A 302 -28.38 -5.81 2.54
N ASN A 303 -29.55 -6.41 2.75
CA ASN A 303 -30.77 -5.65 2.98
C ASN A 303 -30.96 -5.27 4.44
N ARG A 304 -30.23 -5.89 5.36
CA ARG A 304 -30.34 -5.54 6.77
C ARG A 304 -29.79 -4.14 7.00
N ARG A 305 -30.58 -3.31 7.69
CA ARG A 305 -30.19 -1.92 7.92
C ARG A 305 -28.99 -1.83 8.86
N SER A 306 -28.93 -2.69 9.86
CA SER A 306 -27.86 -2.63 10.85
C SER A 306 -27.57 -4.03 11.37
N LEU A 307 -26.28 -4.30 11.62
CA LEU A 307 -25.83 -5.55 12.22
C LEU A 307 -24.65 -5.22 13.12
N MET A 308 -24.88 -5.26 14.44
CA MET A 308 -23.87 -4.88 15.41
C MET A 308 -23.06 -6.09 15.85
N LEU A 309 -21.74 -6.00 15.75
CA LEU A 309 -20.83 -7.03 16.22
C LEU A 309 -20.31 -6.66 17.59
N ALA A 310 -20.28 -7.63 18.50
CA ALA A 310 -19.89 -7.39 19.87
C ALA A 310 -18.38 -7.39 20.02
N THR A 311 -17.85 -6.36 20.68
CA THR A 311 -16.42 -6.29 21.00
C THR A 311 -16.18 -6.28 22.50
N GLY A 312 -17.16 -6.72 23.29
CA GLY A 312 -17.03 -6.73 24.73
C GLY A 312 -17.89 -7.82 25.35
N MET A 313 -17.77 -7.96 26.67
CA MET A 313 -18.51 -8.95 27.42
C MET A 313 -19.89 -8.41 27.80
N ARG A 314 -20.63 -9.21 28.57
CA ARG A 314 -21.94 -8.77 29.05
C ARG A 314 -21.78 -7.55 29.96
N ASN A 315 -22.61 -6.54 29.73
CA ASN A 315 -22.61 -5.33 30.55
C ASN A 315 -23.60 -5.55 31.69
N VAL A 316 -23.09 -5.61 32.91
CA VAL A 316 -23.94 -5.80 34.09
C VAL A 316 -23.95 -4.51 34.90
N PRO A 317 -24.99 -3.69 34.77
CA PRO A 317 -25.03 -2.41 35.50
C PRO A 317 -25.11 -2.62 37.00
N GLU A 318 -24.75 -1.56 37.73
CA GLU A 318 -24.76 -1.60 39.19
C GLU A 318 -26.18 -1.38 39.73
N LEU B 2 -22.47 -21.24 28.22
CA LEU B 2 -22.42 -20.16 29.20
C LEU B 2 -21.80 -20.64 30.52
N PHE B 3 -20.78 -19.93 30.98
CA PHE B 3 -20.19 -20.21 32.27
C PHE B 3 -20.87 -19.36 33.34
N GLY B 4 -20.71 -19.78 34.59
CA GLY B 4 -21.39 -19.14 35.68
C GLY B 4 -20.66 -17.93 36.26
N ALA B 5 -19.75 -17.33 35.49
CA ALA B 5 -18.98 -16.22 36.02
C ALA B 5 -19.62 -14.86 35.69
N ILE B 6 -19.73 -14.54 34.40
CA ILE B 6 -20.21 -13.21 34.03
C ILE B 6 -21.71 -13.10 34.21
N ALA B 7 -22.46 -14.10 33.75
CA ALA B 7 -23.91 -14.13 33.92
C ALA B 7 -24.36 -15.07 35.03
N GLY B 8 -23.43 -15.51 35.88
CA GLY B 8 -23.76 -16.44 36.94
C GLY B 8 -23.63 -15.86 38.34
N PHE B 9 -22.54 -16.20 39.04
CA PHE B 9 -22.43 -15.79 40.43
C PHE B 9 -21.95 -14.35 40.60
N LEU B 10 -21.33 -13.75 39.59
CA LEU B 10 -20.99 -12.33 39.64
C LEU B 10 -22.22 -11.55 39.22
N GLU B 11 -22.99 -11.09 40.21
CA GLU B 11 -24.26 -10.42 39.95
C GLU B 11 -24.10 -8.93 39.66
N ASN B 12 -22.88 -8.40 39.62
CA ASN B 12 -22.67 -6.98 39.40
C ASN B 12 -21.31 -6.75 38.75
N GLY B 13 -21.28 -5.85 37.77
CA GLY B 13 -20.03 -5.44 37.17
C GLY B 13 -19.42 -4.25 37.89
N TRP B 14 -18.13 -4.04 37.64
CA TRP B 14 -17.36 -2.96 38.28
C TRP B 14 -17.10 -1.88 37.24
N GLU B 15 -18.05 -0.94 37.11
CA GLU B 15 -17.88 0.14 36.15
C GLU B 15 -16.69 1.02 36.50
N GLY B 16 -16.36 1.15 37.78
CA GLY B 16 -15.21 1.92 38.20
C GLY B 16 -13.87 1.27 37.94
N MET B 17 -13.85 0.03 37.45
CA MET B 17 -12.61 -0.69 37.18
C MET B 17 -12.25 -0.49 35.70
N VAL B 18 -11.64 0.66 35.41
CA VAL B 18 -11.14 0.95 34.07
C VAL B 18 -9.73 0.42 33.84
N ASP B 19 -9.15 -0.25 34.84
CA ASP B 19 -7.78 -0.75 34.70
C ASP B 19 -7.71 -1.95 33.77
N GLY B 20 -8.80 -2.70 33.65
CA GLY B 20 -8.82 -3.85 32.76
C GLY B 20 -10.17 -4.53 32.79
N TRP B 21 -10.25 -5.62 32.05
CA TRP B 21 -11.49 -6.39 31.99
C TRP B 21 -11.66 -7.31 33.20
N TYR B 22 -10.56 -7.82 33.74
CA TYR B 22 -10.59 -8.74 34.88
C TYR B 22 -9.53 -8.28 35.88
N GLY B 23 -9.99 -7.67 36.97
CA GLY B 23 -9.08 -7.13 37.97
C GLY B 23 -9.48 -7.55 39.38
N PHE B 24 -8.63 -7.16 40.33
CA PHE B 24 -8.80 -7.51 41.73
C PHE B 24 -9.20 -6.27 42.52
N ARG B 25 -10.12 -6.45 43.46
CA ARG B 25 -10.47 -5.43 44.44
C ARG B 25 -10.37 -6.04 45.82
N HIS B 26 -9.54 -5.43 46.68
CA HIS B 26 -9.24 -5.99 47.99
C HIS B 26 -9.54 -4.97 49.08
N GLN B 27 -9.88 -5.48 50.26
CA GLN B 27 -10.09 -4.67 51.44
C GLN B 27 -9.39 -5.33 52.62
N ASN B 28 -8.27 -4.76 53.05
CA ASN B 28 -7.51 -5.27 54.18
C ASN B 28 -7.42 -4.18 55.25
N ALA B 29 -6.64 -4.47 56.30
CA ALA B 29 -6.47 -3.50 57.39
C ALA B 29 -5.89 -2.19 56.90
N GLN B 30 -5.13 -2.23 55.79
CA GLN B 30 -4.61 -0.99 55.22
C GLN B 30 -5.73 -0.14 54.63
N GLY B 31 -6.70 -0.78 54.00
CA GLY B 31 -7.79 -0.07 53.37
C GLY B 31 -8.27 -0.83 52.13
N THR B 32 -8.81 -0.07 51.18
CA THR B 32 -9.34 -0.62 49.95
C THR B 32 -8.40 -0.32 48.79
N GLY B 33 -8.19 -1.32 47.92
CA GLY B 33 -7.32 -1.17 46.79
C GLY B 33 -7.84 -1.92 45.58
N GLN B 34 -7.34 -1.52 44.42
CA GLN B 34 -7.78 -2.09 43.15
C GLN B 34 -6.58 -2.26 42.22
N ALA B 35 -6.57 -3.36 41.48
CA ALA B 35 -5.56 -3.62 40.47
C ALA B 35 -6.21 -4.43 39.35
N ALA B 36 -5.39 -4.80 38.36
CA ALA B 36 -5.88 -5.53 37.20
C ALA B 36 -4.88 -6.61 36.81
N ASP B 37 -5.41 -7.74 36.33
CA ASP B 37 -4.58 -8.84 35.86
C ASP B 37 -4.25 -8.63 34.39
N TYR B 38 -2.97 -8.76 34.04
CA TYR B 38 -2.50 -8.46 32.70
C TYR B 38 -2.77 -9.62 31.74
N LYS B 39 -2.64 -10.85 32.22
CA LYS B 39 -2.64 -12.01 31.33
C LYS B 39 -4.00 -12.21 30.66
N SER B 40 -5.06 -12.26 31.46
CA SER B 40 -6.39 -12.52 30.91
C SER B 40 -6.85 -11.38 30.01
N THR B 41 -6.63 -10.14 30.43
CA THR B 41 -7.00 -8.99 29.62
C THR B 41 -6.27 -9.01 28.28
N GLN B 42 -4.97 -9.29 28.30
CA GLN B 42 -4.21 -9.34 27.05
C GLN B 42 -4.66 -10.49 26.17
N ALA B 43 -5.00 -11.64 26.78
CA ALA B 43 -5.49 -12.76 26.00
C ALA B 43 -6.78 -12.41 25.29
N ALA B 44 -7.73 -11.81 26.02
CA ALA B 44 -9.00 -11.40 25.41
C ALA B 44 -8.77 -10.37 24.32
N ILE B 45 -7.91 -9.38 24.57
CA ILE B 45 -7.67 -8.34 23.57
C ILE B 45 -7.04 -8.93 22.32
N ASP B 46 -6.07 -9.84 22.49
CA ASP B 46 -5.42 -10.46 21.34
C ASP B 46 -6.40 -11.30 20.54
N GLN B 47 -7.26 -12.07 21.22
CA GLN B 47 -8.24 -12.88 20.50
C GLN B 47 -9.21 -12.01 19.72
N ILE B 48 -9.70 -10.92 20.34
CA ILE B 48 -10.65 -10.06 19.66
C ILE B 48 -10.00 -9.34 18.48
N THR B 49 -8.75 -8.89 18.65
CA THR B 49 -8.05 -8.24 17.55
C THR B 49 -7.75 -9.21 16.42
N GLY B 50 -7.44 -10.47 16.75
CA GLY B 50 -7.27 -11.46 15.70
C GLY B 50 -8.55 -11.75 14.95
N LYS B 51 -9.67 -11.84 15.67
CA LYS B 51 -10.98 -11.93 15.02
C LYS B 51 -11.18 -10.77 14.05
N LEU B 52 -10.96 -9.54 14.51
CA LEU B 52 -11.18 -8.38 13.67
C LEU B 52 -10.24 -8.37 12.46
N ASN B 53 -9.00 -8.82 12.65
CA ASN B 53 -8.03 -8.84 11.56
C ASN B 53 -8.44 -9.86 10.50
N ARG B 54 -8.80 -11.07 10.92
CA ARG B 54 -9.30 -12.05 9.96
C ARG B 54 -10.62 -11.63 9.34
N LEU B 55 -11.37 -10.73 9.99
CA LEU B 55 -12.65 -10.29 9.46
C LEU B 55 -12.50 -9.22 8.38
N VAL B 56 -11.66 -8.21 8.65
CA VAL B 56 -11.61 -7.03 7.78
C VAL B 56 -10.86 -7.26 6.47
N GLU B 57 -10.14 -8.36 6.33
CA GLU B 57 -9.37 -8.61 5.11
C GLU B 57 -10.23 -9.32 4.08
N LYS B 58 -10.22 -8.81 2.85
CA LYS B 58 -11.00 -9.40 1.77
C LYS B 58 -10.46 -8.90 0.44
N THR B 59 -10.12 -9.83 -0.45
CA THR B 59 -9.58 -9.46 -1.75
C THR B 59 -10.67 -8.97 -2.70
N ASN B 60 -11.87 -9.53 -2.61
CA ASN B 60 -13.04 -9.06 -3.36
C ASN B 60 -12.78 -9.09 -4.87
N THR B 61 -12.74 -10.32 -5.40
CA THR B 61 -12.47 -10.55 -6.82
C THR B 61 -13.24 -9.59 -7.72
N GLU B 62 -12.55 -9.07 -8.73
CA GLU B 62 -13.09 -7.99 -9.55
C GLU B 62 -14.36 -8.43 -10.26
N PHE B 63 -15.35 -7.55 -10.28
CA PHE B 63 -16.59 -7.76 -11.01
C PHE B 63 -16.82 -6.57 -11.95
N GLU B 64 -17.69 -6.79 -12.93
CA GLU B 64 -18.01 -5.78 -13.93
C GLU B 64 -19.53 -5.70 -14.11
N SER B 65 -19.95 -4.74 -14.92
CA SER B 65 -21.37 -4.44 -15.07
C SER B 65 -22.00 -5.35 -16.12
N ILE B 66 -23.08 -6.03 -15.73
CA ILE B 66 -23.85 -6.84 -16.67
C ILE B 66 -25.18 -6.20 -17.03
N GLU B 67 -25.64 -5.21 -16.27
CA GLU B 67 -26.87 -4.49 -16.56
C GLU B 67 -26.55 -3.07 -16.98
N SER B 68 -27.21 -2.60 -18.03
CA SER B 68 -27.03 -1.24 -18.51
C SER B 68 -27.86 -0.28 -17.67
N GLU B 69 -27.30 0.88 -17.37
CA GLU B 69 -27.95 1.88 -16.54
C GLU B 69 -28.67 2.96 -17.33
N PHE B 70 -28.24 3.23 -18.57
CA PHE B 70 -28.81 4.30 -19.38
C PHE B 70 -29.58 3.79 -20.60
N SER B 71 -29.74 2.48 -20.73
CA SER B 71 -30.51 1.91 -21.83
C SER B 71 -31.36 0.77 -21.29
N GLU B 72 -32.30 0.31 -22.13
CA GLU B 72 -33.23 -0.74 -21.73
C GLU B 72 -32.65 -2.11 -22.08
N ILE B 73 -32.75 -3.04 -21.13
CA ILE B 73 -32.29 -4.40 -21.33
C ILE B 73 -33.49 -5.25 -21.76
N GLU B 74 -33.20 -6.35 -22.45
CA GLU B 74 -34.25 -7.29 -22.82
C GLU B 74 -34.96 -7.79 -21.57
N HIS B 75 -36.28 -7.99 -21.68
CA HIS B 75 -37.09 -8.20 -20.49
C HIS B 75 -36.78 -9.51 -19.81
N GLN B 76 -36.63 -10.60 -20.57
CA GLN B 76 -36.42 -11.90 -19.96
C GLN B 76 -35.06 -11.99 -19.30
N ILE B 77 -34.00 -11.57 -19.99
CA ILE B 77 -32.67 -11.61 -19.40
C ILE B 77 -32.57 -10.63 -18.24
N GLY B 78 -33.28 -9.50 -18.31
CA GLY B 78 -33.32 -8.59 -17.19
C GLY B 78 -33.99 -9.19 -15.97
N ASN B 79 -35.09 -9.91 -16.17
CA ASN B 79 -35.74 -10.60 -15.06
C ASN B 79 -34.84 -11.68 -14.48
N VAL B 80 -34.11 -12.40 -15.33
CA VAL B 80 -33.18 -13.42 -14.85
C VAL B 80 -32.09 -12.78 -14.01
N ILE B 81 -31.53 -11.65 -14.47
CA ILE B 81 -30.48 -10.98 -13.72
C ILE B 81 -31.03 -10.46 -12.39
N ASN B 82 -32.24 -9.89 -12.40
CA ASN B 82 -32.84 -9.43 -11.15
C ASN B 82 -33.04 -10.57 -10.16
N TRP B 83 -33.57 -11.70 -10.65
CA TRP B 83 -33.77 -12.86 -9.80
C TRP B 83 -32.45 -13.34 -9.20
N THR B 84 -31.42 -13.47 -10.04
CA THR B 84 -30.12 -13.95 -9.56
C THR B 84 -29.54 -13.00 -8.52
N LYS B 85 -29.57 -11.68 -8.79
CA LYS B 85 -28.96 -10.73 -7.88
C LYS B 85 -29.73 -10.64 -6.57
N ASP B 86 -31.06 -10.75 -6.61
CA ASP B 86 -31.84 -10.74 -5.38
C ASP B 86 -31.60 -12.00 -4.56
N SER B 87 -31.44 -13.15 -5.23
CA SER B 87 -31.10 -14.38 -4.53
C SER B 87 -29.75 -14.26 -3.84
N ILE B 88 -28.76 -13.70 -4.56
CA ILE B 88 -27.43 -13.50 -3.98
C ILE B 88 -27.51 -12.55 -2.79
N THR B 89 -28.32 -11.49 -2.91
CA THR B 89 -28.50 -10.55 -1.82
C THR B 89 -29.07 -11.24 -0.59
N ASP B 90 -30.11 -12.06 -0.79
CA ASP B 90 -30.71 -12.77 0.34
C ASP B 90 -29.72 -13.74 0.98
N ILE B 91 -28.94 -14.45 0.15
CA ILE B 91 -27.96 -15.39 0.69
C ILE B 91 -26.93 -14.66 1.54
N TRP B 92 -26.38 -13.56 1.02
CA TRP B 92 -25.38 -12.81 1.77
C TRP B 92 -25.98 -12.19 3.03
N THR B 93 -27.26 -11.78 2.98
CA THR B 93 -27.90 -11.23 4.16
C THR B 93 -28.04 -12.29 5.25
N TYR B 94 -28.48 -13.48 4.88
CA TYR B 94 -28.59 -14.57 5.86
C TYR B 94 -27.23 -14.92 6.44
N GLN B 95 -26.21 -15.02 5.59
CA GLN B 95 -24.88 -15.36 6.09
C GLN B 95 -24.35 -14.26 7.00
N ALA B 96 -24.62 -13.00 6.69
CA ALA B 96 -24.20 -11.90 7.54
C ALA B 96 -24.87 -11.99 8.91
N GLU B 97 -26.17 -12.22 8.92
CA GLU B 97 -26.90 -12.39 10.19
C GLU B 97 -26.28 -13.53 11.01
N LEU B 98 -26.07 -14.68 10.38
CA LEU B 98 -25.54 -15.84 11.09
C LEU B 98 -24.15 -15.55 11.64
N LEU B 99 -23.27 -14.98 10.81
CA LEU B 99 -21.91 -14.67 11.24
C LEU B 99 -21.91 -13.70 12.42
N VAL B 100 -22.69 -12.62 12.31
CA VAL B 100 -22.72 -11.61 13.37
C VAL B 100 -23.20 -12.23 14.68
N ALA B 101 -24.32 -12.96 14.62
CA ALA B 101 -24.89 -13.53 15.84
C ALA B 101 -23.92 -14.53 16.48
N MET B 102 -23.39 -15.45 15.67
CA MET B 102 -22.48 -16.47 16.21
C MET B 102 -21.23 -15.83 16.78
N GLU B 103 -20.68 -14.81 16.11
CA GLU B 103 -19.45 -14.20 16.58
C GLU B 103 -19.67 -13.41 17.86
N ASN B 104 -20.82 -12.75 17.99
CA ASN B 104 -21.12 -12.05 19.24
C ASN B 104 -21.28 -13.02 20.39
N GLN B 105 -22.04 -14.11 20.17
CA GLN B 105 -22.19 -15.12 21.20
C GLN B 105 -20.84 -15.69 21.61
N HIS B 106 -19.99 -16.00 20.63
CA HIS B 106 -18.69 -16.58 20.93
C HIS B 106 -17.78 -15.61 21.66
N THR B 107 -17.84 -14.32 21.31
CA THR B 107 -17.02 -13.32 22.00
C THR B 107 -17.44 -13.19 23.46
N ILE B 108 -18.75 -13.10 23.71
CA ILE B 108 -19.22 -12.98 25.09
C ILE B 108 -18.84 -14.22 25.89
N ASP B 109 -19.07 -15.41 25.34
CA ASP B 109 -18.76 -16.63 26.06
C ASP B 109 -17.25 -16.83 26.21
N MET B 110 -16.44 -16.28 25.30
CA MET B 110 -15.00 -16.37 25.45
C MET B 110 -14.50 -15.45 26.55
N ALA B 111 -15.07 -14.25 26.65
CA ALA B 111 -14.77 -13.40 27.80
C ALA B 111 -15.14 -14.09 29.10
N ASP B 112 -16.30 -14.74 29.12
CA ASP B 112 -16.73 -15.49 30.31
C ASP B 112 -15.75 -16.62 30.64
N SER B 113 -15.29 -17.34 29.61
CA SER B 113 -14.36 -18.45 29.82
C SER B 113 -13.02 -17.95 30.35
N GLU B 114 -12.53 -16.83 29.83
CA GLU B 114 -11.28 -16.27 30.33
C GLU B 114 -11.42 -15.80 31.77
N MET B 115 -12.58 -15.21 32.11
CA MET B 115 -12.84 -14.84 33.49
C MET B 115 -12.79 -16.07 34.40
N LEU B 116 -13.46 -17.15 34.01
CA LEU B 116 -13.46 -18.34 34.84
C LEU B 116 -12.08 -18.99 34.92
N ASN B 117 -11.29 -18.91 33.85
CA ASN B 117 -9.95 -19.46 33.88
C ASN B 117 -9.05 -18.68 34.83
N LEU B 118 -9.15 -17.35 34.80
CA LEU B 118 -8.42 -16.55 35.78
C LEU B 118 -8.88 -16.84 37.20
N TYR B 119 -10.18 -17.07 37.38
CA TYR B 119 -10.71 -17.44 38.68
C TYR B 119 -10.09 -18.75 39.17
N GLU B 120 -10.02 -19.75 38.29
CA GLU B 120 -9.42 -21.03 38.66
C GLU B 120 -7.92 -20.89 38.92
N ARG B 121 -7.23 -20.00 38.20
CA ARG B 121 -5.82 -19.76 38.48
C ARG B 121 -5.64 -19.19 39.88
N VAL B 122 -6.42 -18.16 40.21
CA VAL B 122 -6.32 -17.56 41.54
C VAL B 122 -6.69 -18.58 42.62
N ARG B 123 -7.62 -19.49 42.33
CA ARG B 123 -7.98 -20.52 43.30
C ARG B 123 -6.85 -21.52 43.49
N LYS B 124 -6.22 -21.96 42.40
CA LYS B 124 -5.07 -22.85 42.52
C LYS B 124 -3.94 -22.17 43.27
N GLN B 125 -3.87 -20.84 43.21
CA GLN B 125 -2.89 -20.12 44.01
C GLN B 125 -3.28 -20.09 45.48
N LEU B 126 -4.56 -19.84 45.79
CA LEU B 126 -5.08 -19.79 47.15
C LEU B 126 -5.62 -21.13 47.62
N ARG B 127 -5.06 -22.23 47.10
CA ARG B 127 -5.51 -23.60 47.33
C ARG B 127 -6.07 -23.91 48.71
N GLN B 128 -5.27 -23.75 49.77
CA GLN B 128 -5.65 -24.29 51.07
C GLN B 128 -5.65 -23.26 52.20
N ASN B 129 -5.58 -21.96 51.89
CA ASN B 129 -5.48 -20.94 52.92
C ASN B 129 -6.70 -20.02 52.95
N ALA B 130 -7.68 -20.23 52.09
CA ALA B 130 -8.86 -19.37 52.06
C ALA B 130 -10.02 -20.15 51.46
N GLU B 131 -11.19 -19.50 51.48
CA GLU B 131 -12.41 -20.08 50.93
C GLU B 131 -13.11 -19.05 50.05
N GLU B 132 -13.85 -19.54 49.06
CA GLU B 132 -14.58 -18.70 48.13
C GLU B 132 -16.04 -18.61 48.58
N ASP B 133 -16.50 -17.38 48.84
CA ASP B 133 -17.86 -17.21 49.34
C ASP B 133 -18.91 -17.42 48.26
N GLY B 134 -18.51 -17.38 46.99
CA GLY B 134 -19.44 -17.60 45.89
C GLY B 134 -19.66 -16.37 45.03
N LYS B 135 -19.77 -15.20 45.65
CA LYS B 135 -19.98 -13.97 44.90
C LYS B 135 -18.65 -13.38 44.43
N GLY B 136 -17.83 -14.22 43.79
CA GLY B 136 -16.56 -13.79 43.24
C GLY B 136 -15.51 -13.38 44.24
N CYS B 137 -15.84 -13.33 45.53
CA CYS B 137 -14.90 -12.92 46.55
C CYS B 137 -14.18 -14.13 47.15
N PHE B 138 -13.10 -13.85 47.87
CA PHE B 138 -12.30 -14.87 48.54
C PHE B 138 -12.17 -14.50 50.00
N GLU B 139 -12.86 -15.23 50.87
CA GLU B 139 -12.80 -14.99 52.31
C GLU B 139 -11.47 -15.53 52.83
N ILE B 140 -10.47 -14.65 52.90
CA ILE B 140 -9.17 -15.04 53.43
C ILE B 140 -9.28 -15.25 54.92
N TYR B 141 -8.83 -16.41 55.40
CA TYR B 141 -9.06 -16.79 56.79
C TYR B 141 -8.01 -16.23 57.74
N HIS B 142 -6.83 -15.84 57.25
CA HIS B 142 -5.81 -15.29 58.13
C HIS B 142 -5.52 -13.83 57.84
N ALA B 143 -5.11 -13.47 56.62
CA ALA B 143 -4.70 -12.12 56.28
C ALA B 143 -4.13 -12.10 54.86
N CYS B 144 -3.91 -10.88 54.35
CA CYS B 144 -3.13 -10.69 53.11
C CYS B 144 -2.69 -9.24 53.02
N ASP B 145 -1.39 -9.03 52.92
CA ASP B 145 -0.81 -7.70 52.80
C ASP B 145 -0.95 -7.20 51.35
N ASP B 146 -0.66 -5.91 51.15
CA ASP B 146 -0.59 -5.39 49.79
C ASP B 146 0.50 -6.11 49.00
N SER B 147 1.63 -6.40 49.65
CA SER B 147 2.64 -7.24 49.00
C SER B 147 2.11 -8.66 48.76
N CYS B 148 1.30 -9.18 49.70
CA CYS B 148 0.65 -10.46 49.45
C CYS B 148 -0.32 -10.36 48.28
N MET B 149 -1.03 -9.24 48.16
CA MET B 149 -1.91 -9.05 47.02
C MET B 149 -1.14 -9.05 45.71
N GLU B 150 0.00 -8.35 45.67
CA GLU B 150 0.81 -8.34 44.45
C GLU B 150 1.37 -9.72 44.16
N SER B 151 1.75 -10.47 45.21
CA SER B 151 2.20 -11.84 45.02
C SER B 151 1.10 -12.70 44.42
N ILE B 152 -0.15 -12.46 44.82
CA ILE B 152 -1.28 -13.11 44.18
C ILE B 152 -1.38 -12.68 42.72
N ARG B 153 -1.09 -11.41 42.44
CA ARG B 153 -1.07 -10.94 41.05
C ARG B 153 0.11 -11.51 40.29
N ASN B 154 1.31 -11.46 40.90
CA ASN B 154 2.51 -11.99 40.28
C ASN B 154 2.54 -13.52 40.22
N ASN B 155 1.50 -14.19 40.69
CA ASN B 155 1.41 -15.65 40.69
C ASN B 155 2.56 -16.27 41.47
N THR B 156 2.88 -15.69 42.63
CA THR B 156 3.97 -16.17 43.47
C THR B 156 3.54 -16.48 44.89
N TYR B 157 2.23 -16.52 45.15
CA TYR B 157 1.74 -16.78 46.51
C TYR B 157 2.01 -18.23 46.90
N ASP B 158 2.66 -18.41 48.05
CA ASP B 158 2.98 -19.73 48.57
C ASP B 158 2.00 -20.08 49.69
N HIS B 159 1.33 -21.22 49.57
CA HIS B 159 0.33 -21.63 50.55
C HIS B 159 0.91 -22.44 51.69
N SER B 160 2.05 -23.11 51.48
CA SER B 160 2.71 -23.84 52.56
C SER B 160 3.25 -22.92 53.65
N GLN B 161 3.28 -21.61 53.40
CA GLN B 161 3.74 -20.66 54.40
C GLN B 161 2.64 -20.33 55.40
N TYR B 162 1.37 -20.40 54.99
CA TYR B 162 0.26 -20.11 55.88
C TYR B 162 -0.65 -21.32 56.09
N ARG B 163 -0.24 -22.51 55.63
CA ARG B 163 -1.10 -23.69 55.74
C ARG B 163 -1.39 -24.04 57.20
N GLU B 164 -0.33 -24.17 58.01
CA GLU B 164 -0.52 -24.53 59.41
C GLU B 164 -1.26 -23.43 60.17
N GLU B 165 -1.01 -22.17 59.81
CA GLU B 165 -1.73 -21.06 60.43
C GLU B 165 -3.22 -21.16 60.15
N ALA B 166 -3.59 -21.40 58.88
CA ALA B 166 -4.99 -21.53 58.53
C ALA B 166 -5.63 -22.72 59.22
N LEU B 167 -4.91 -23.85 59.30
CA LEU B 167 -5.44 -25.02 59.97
C LEU B 167 -5.69 -24.74 61.46
N LEU B 168 -4.74 -24.09 62.13
CA LEU B 168 -4.91 -23.78 63.53
C LEU B 168 -6.02 -22.76 63.76
N ASN B 169 -6.21 -21.84 62.83
CA ASN B 169 -7.30 -20.87 62.97
C ASN B 169 -8.66 -21.51 62.73
N ARG B 170 -8.74 -22.49 61.82
CA ARG B 170 -10.01 -23.15 61.56
C ARG B 170 -10.36 -24.16 62.63
N LEU B 171 -9.37 -24.80 63.25
CA LEU B 171 -9.66 -25.77 64.30
C LEU B 171 -10.06 -25.08 65.60
N ASN B 172 -9.22 -24.18 66.10
CA ASN B 172 -9.53 -23.45 67.33
C ASN B 172 -10.59 -22.39 67.09
N GLN C 1 -2.89 13.40 8.68
CA GLN C 1 -2.86 12.15 9.44
C GLN C 1 -1.49 11.92 10.06
N VAL C 2 -0.57 11.39 9.26
CA VAL C 2 0.79 11.09 9.73
C VAL C 2 1.64 12.32 9.41
N GLN C 3 1.65 13.27 10.35
CA GLN C 3 2.47 14.47 10.26
C GLN C 3 3.01 14.78 11.65
N LEU C 4 4.27 15.18 11.72
CA LEU C 4 4.99 15.26 12.98
C LEU C 4 5.92 16.47 12.98
N LEU C 5 6.60 16.65 14.11
CA LEU C 5 7.68 17.61 14.23
C LEU C 5 8.65 17.12 15.29
N GLU C 6 9.94 17.26 15.03
CA GLU C 6 10.98 16.79 15.94
C GLU C 6 12.00 17.89 16.15
N SER C 7 12.55 17.94 17.36
CA SER C 7 13.53 18.95 17.72
C SER C 7 14.49 18.38 18.76
N GLY C 8 15.66 19.01 18.86
CA GLY C 8 16.69 18.59 19.79
C GLY C 8 17.95 18.07 19.13
N GLY C 9 18.00 18.02 17.79
CA GLY C 9 19.19 17.53 17.12
C GLY C 9 20.26 18.59 16.99
N GLY C 10 21.46 18.12 16.71
CA GLY C 10 22.62 18.99 16.55
C GLY C 10 23.89 18.23 16.90
N VAL C 11 24.88 18.99 17.36
CA VAL C 11 26.18 18.45 17.77
C VAL C 11 26.37 18.78 19.23
N VAL C 12 26.30 17.77 20.09
CA VAL C 12 26.49 17.92 21.52
C VAL C 12 27.80 17.24 21.91
N GLN C 13 28.59 17.92 22.73
CA GLN C 13 29.89 17.40 23.14
C GLN C 13 29.71 16.33 24.22
N PRO C 14 30.64 15.37 24.29
CA PRO C 14 30.52 14.33 25.32
C PRO C 14 30.63 14.91 26.72
N GLY C 15 29.77 14.41 27.62
CA GLY C 15 29.69 14.88 28.98
C GLY C 15 28.51 15.78 29.26
N ARG C 16 28.04 16.52 28.25
CA ARG C 16 26.88 17.40 28.41
C ARG C 16 25.61 16.57 28.32
N SER C 17 24.46 17.25 28.20
CA SER C 17 23.16 16.60 28.18
C SER C 17 22.47 16.85 26.85
N LEU C 18 21.82 15.80 26.33
CA LEU C 18 20.96 15.93 25.16
C LEU C 18 19.50 15.98 25.59
N ARG C 19 18.72 16.78 24.87
CA ARG C 19 17.29 16.93 25.12
C ARG C 19 16.57 16.87 23.77
N LEU C 20 15.76 15.84 23.59
CA LEU C 20 15.00 15.63 22.37
C LEU C 20 13.51 15.77 22.67
N SER C 21 12.75 16.19 21.66
CA SER C 21 11.33 16.45 21.86
C SER C 21 10.59 16.28 20.54
N CYS C 22 9.58 15.42 20.52
CA CYS C 22 8.78 15.18 19.33
C CYS C 22 7.31 15.44 19.63
N ALA C 23 6.63 16.07 18.68
CA ALA C 23 5.21 16.39 18.81
C ALA C 23 4.49 15.97 17.54
N ALA C 24 3.44 15.17 17.69
CA ALA C 24 2.67 14.64 16.57
C ALA C 24 1.28 15.25 16.55
N SER C 25 0.61 15.09 15.40
CA SER C 25 -0.74 15.60 15.21
C SER C 25 -1.50 14.62 14.32
N GLY C 26 -2.75 14.95 14.03
CA GLY C 26 -3.60 14.11 13.22
C GLY C 26 -4.31 13.01 13.96
N PHE C 27 -4.21 12.99 15.29
CA PHE C 27 -4.86 11.96 16.11
C PHE C 27 -4.92 12.47 17.55
N THR C 28 -5.53 11.66 18.41
CA THR C 28 -5.61 11.96 19.83
C THR C 28 -4.36 11.40 20.51
N PHE C 29 -3.42 12.29 20.86
CA PHE C 29 -2.17 11.87 21.47
C PHE C 29 -2.34 11.48 22.93
N SER C 30 -3.37 11.98 23.61
CA SER C 30 -3.54 11.78 25.04
C SER C 30 -3.85 10.34 25.43
N ASN C 31 -3.90 9.41 24.49
CA ASN C 31 -4.23 8.03 24.80
C ASN C 31 -3.15 7.01 24.48
N TYR C 32 -2.38 7.24 23.42
CA TYR C 32 -1.36 6.28 22.98
C TYR C 32 -0.11 6.40 23.84
N GLY C 33 0.29 5.30 24.47
CA GLY C 33 1.57 5.27 25.15
C GLY C 33 2.71 5.26 24.14
N MET C 34 3.72 6.10 24.38
CA MET C 34 4.78 6.31 23.41
C MET C 34 6.09 5.69 23.89
N HIS C 35 6.97 5.42 22.92
CA HIS C 35 8.23 4.74 23.16
C HIS C 35 9.37 5.53 22.52
N TRP C 36 10.52 5.51 23.20
CA TRP C 36 11.77 6.04 22.66
C TRP C 36 12.71 4.87 22.43
N VAL C 37 13.21 4.75 21.19
CA VAL C 37 14.14 3.69 20.81
C VAL C 37 15.36 4.36 20.17
N ARG C 38 16.49 3.66 20.22
CA ARG C 38 17.70 4.14 19.58
C ARG C 38 18.27 3.07 18.66
N GLN C 39 18.92 3.52 17.59
CA GLN C 39 19.60 2.64 16.65
C GLN C 39 21.00 3.19 16.39
N ALA C 40 22.02 2.43 16.77
CA ALA C 40 23.39 2.84 16.50
C ALA C 40 23.63 2.92 14.99
N PRO C 41 24.57 3.74 14.55
CA PRO C 41 24.87 3.82 13.11
C PRO C 41 25.28 2.47 12.56
N GLY C 42 24.86 2.21 11.31
CA GLY C 42 25.01 0.89 10.73
C GLY C 42 23.74 0.09 10.89
N LYS C 43 23.72 -0.82 11.87
CA LYS C 43 22.53 -1.61 12.18
C LYS C 43 22.45 -1.79 13.69
N GLY C 44 21.50 -2.60 14.13
CA GLY C 44 21.33 -2.85 15.55
C GLY C 44 20.31 -1.94 16.22
N LEU C 45 19.26 -2.52 16.78
CA LEU C 45 18.20 -1.79 17.44
C LEU C 45 18.23 -2.05 18.94
N GLU C 46 18.17 -0.99 19.73
CA GLU C 46 18.17 -1.10 21.18
C GLU C 46 17.11 -0.17 21.75
N TRP C 47 16.17 -0.72 22.50
CA TRP C 47 15.09 0.07 23.08
C TRP C 47 15.60 0.90 24.25
N VAL C 48 15.08 2.12 24.37
CA VAL C 48 15.53 3.08 25.38
C VAL C 48 14.54 3.20 26.52
N ALA C 49 13.32 3.64 26.22
CA ALA C 49 12.38 3.94 27.30
C ALA C 49 10.94 3.82 26.81
N ILE C 50 10.04 3.59 27.76
CA ILE C 50 8.60 3.55 27.53
C ILE C 50 7.93 4.43 28.57
N ILE C 51 6.75 4.94 28.23
CA ILE C 51 5.99 5.80 29.13
C ILE C 51 4.51 5.48 28.98
N SER C 52 3.78 5.54 30.10
CA SER C 52 2.34 5.33 30.06
C SER C 52 1.66 6.55 29.43
N PHE C 53 0.36 6.38 29.14
CA PHE C 53 -0.41 7.48 28.58
C PHE C 53 -0.59 8.62 29.58
N ASP C 54 -0.51 8.33 30.88
CA ASP C 54 -0.61 9.34 31.92
C ASP C 54 0.69 9.55 32.67
N GLY C 55 1.72 8.74 32.42
CA GLY C 55 2.98 8.90 33.10
C GLY C 55 3.06 8.22 34.45
N SER C 56 2.45 7.04 34.59
CA SER C 56 2.43 6.36 35.88
C SER C 56 3.77 5.67 36.18
N LYS C 57 4.30 4.92 35.21
CA LYS C 57 5.55 4.21 35.39
C LYS C 57 6.41 4.36 34.15
N LYS C 58 7.72 4.38 34.36
CA LYS C 58 8.70 4.52 33.29
C LYS C 58 9.31 3.19 32.85
N TYR C 59 9.89 2.46 33.80
CA TYR C 59 10.53 1.15 33.53
C TYR C 59 11.62 1.30 32.47
N TYR C 60 12.66 2.04 32.85
CA TYR C 60 13.77 2.32 31.95
C TYR C 60 14.51 1.03 31.58
N ALA C 61 15.25 1.09 30.48
CA ALA C 61 16.10 -0.02 30.07
C ALA C 61 17.39 -0.03 30.87
N ASN C 62 17.89 -1.23 31.16
CA ASN C 62 19.06 -1.37 32.02
C ASN C 62 20.30 -0.69 31.43
N SER C 63 20.36 -0.56 30.10
CA SER C 63 21.53 0.06 29.49
C SER C 63 21.62 1.54 29.82
N VAL C 64 20.49 2.20 30.06
CA VAL C 64 20.47 3.63 30.36
C VAL C 64 19.65 3.89 31.62
N LYS C 65 19.43 2.85 32.42
CA LYS C 65 18.60 2.98 33.61
C LYS C 65 19.23 3.94 34.61
N GLY C 66 18.40 4.79 35.20
CA GLY C 66 18.87 5.81 36.13
C GLY C 66 19.66 6.93 35.52
N ARG C 67 19.89 6.90 34.20
CA ARG C 67 20.68 7.91 33.51
C ARG C 67 19.87 8.78 32.55
N SER C 68 18.75 8.26 32.05
CA SER C 68 17.87 8.99 31.14
C SER C 68 16.55 9.30 31.84
N THR C 69 15.76 10.17 31.21
CA THR C 69 14.46 10.53 31.74
C THR C 69 13.51 10.82 30.58
N ILE C 70 12.44 10.05 30.48
CA ILE C 70 11.40 10.24 29.47
C ILE C 70 10.21 10.90 30.12
N SER C 71 9.55 11.80 29.40
CA SER C 71 8.38 12.49 29.92
C SER C 71 7.45 12.83 28.77
N ARG C 72 6.18 13.07 29.10
CA ARG C 72 5.16 13.37 28.10
C ARG C 72 4.17 14.37 28.66
N ASP C 73 3.63 15.20 27.77
CA ASP C 73 2.55 16.13 28.10
C ASP C 73 1.46 15.99 27.06
N ASN C 74 0.24 15.67 27.53
CA ASN C 74 -0.89 15.43 26.65
C ASN C 74 -1.63 16.70 26.27
N SER C 75 -1.39 17.81 26.96
CA SER C 75 -2.05 19.07 26.61
C SER C 75 -1.52 19.61 25.29
N LYS C 76 -0.20 19.72 25.17
CA LYS C 76 0.44 20.17 23.95
C LYS C 76 0.84 19.02 23.03
N ASN C 77 0.56 17.78 23.41
CA ASN C 77 0.86 16.59 22.61
C ASN C 77 2.36 16.53 22.28
N THR C 78 3.16 16.38 23.34
CA THR C 78 4.61 16.40 23.20
C THR C 78 5.22 15.28 24.03
N LEU C 79 6.35 14.76 23.55
CA LEU C 79 7.10 13.71 24.24
C LEU C 79 8.56 14.09 24.23
N SER C 80 9.16 14.21 25.41
CA SER C 80 10.53 14.66 25.57
C SER C 80 11.38 13.60 26.24
N LEU C 81 12.68 13.65 25.97
CA LEU C 81 13.66 12.75 26.54
C LEU C 81 14.93 13.53 26.85
N GLN C 82 15.46 13.35 28.05
CA GLN C 82 16.67 14.05 28.48
C GLN C 82 17.67 13.05 29.01
N MET C 83 18.91 13.12 28.53
CA MET C 83 19.95 12.20 28.97
C MET C 83 21.24 12.96 29.20
N GLU C 84 21.99 12.53 30.22
CA GLU C 84 23.25 13.16 30.59
C GLU C 84 24.39 12.16 30.47
N SER C 85 25.61 12.67 30.58
CA SER C 85 26.84 11.88 30.46
C SER C 85 26.83 11.07 29.16
N LEU C 86 26.84 11.81 28.05
CA LEU C 86 26.71 11.22 26.72
C LEU C 86 28.06 10.68 26.27
N GLY C 87 28.28 9.38 26.49
CA GLY C 87 29.45 8.72 25.97
C GLY C 87 29.29 8.37 24.51
N PRO C 88 30.34 7.76 23.95
CA PRO C 88 30.27 7.35 22.54
C PRO C 88 29.22 6.30 22.25
N GLU C 89 28.74 5.59 23.28
CA GLU C 89 27.68 4.60 23.12
C GLU C 89 26.30 5.22 22.96
N ASP C 90 26.19 6.55 22.94
CA ASP C 90 24.91 7.22 22.78
C ASP C 90 24.74 7.87 21.42
N THR C 91 25.79 7.94 20.60
CA THR C 91 25.67 8.45 19.24
C THR C 91 24.84 7.46 18.42
N ALA C 92 23.61 7.85 18.10
CA ALA C 92 22.67 6.97 17.42
C ALA C 92 21.52 7.81 16.91
N LEU C 93 20.62 7.16 16.16
CA LEU C 93 19.37 7.77 15.74
C LEU C 93 18.29 7.42 16.76
N TYR C 94 17.64 8.44 17.30
CA TYR C 94 16.61 8.26 18.33
C TYR C 94 15.24 8.45 17.68
N TYR C 95 14.42 7.41 17.74
CA TYR C 95 13.07 7.42 17.18
C TYR C 95 12.06 7.44 18.31
N CYS C 96 11.17 8.42 18.30
CA CYS C 96 9.97 8.39 19.11
C CYS C 96 8.85 7.80 18.27
N ALA C 97 8.13 6.84 18.83
CA ALA C 97 7.14 6.11 18.02
C ALA C 97 6.13 5.43 18.90
N LYS C 98 5.02 5.05 18.29
CA LYS C 98 3.96 4.27 18.92
C LYS C 98 4.07 2.83 18.45
N LEU C 99 4.40 1.93 19.36
CA LEU C 99 4.57 0.52 19.07
C LEU C 99 3.50 -0.31 19.76
N PRO C 100 3.23 -1.52 19.28
CA PRO C 100 2.31 -2.41 20.01
C PRO C 100 2.85 -2.76 21.38
N SER C 101 2.19 -2.26 22.41
CA SER C 101 2.68 -2.33 23.78
C SER C 101 1.63 -2.98 24.67
N PRO C 102 1.93 -3.22 25.96
CA PRO C 102 0.88 -3.66 26.89
C PRO C 102 -0.33 -2.74 26.84
N TYR C 103 -1.49 -3.32 27.16
CA TYR C 103 -2.75 -2.62 26.91
C TYR C 103 -2.93 -1.43 27.85
N TYR C 104 -2.51 -1.55 29.10
CA TYR C 104 -2.70 -0.45 30.05
C TYR C 104 -1.75 0.71 29.83
N PHE C 105 -0.72 0.53 28.99
CA PHE C 105 0.04 1.68 28.51
C PHE C 105 -0.75 2.49 27.50
N ASP C 106 -1.78 1.90 26.90
CA ASP C 106 -2.71 2.58 26.02
C ASP C 106 -4.01 2.84 26.77
N SER C 107 -4.97 3.45 26.10
CA SER C 107 -6.26 3.76 26.70
C SER C 107 -7.30 2.72 26.30
N ARG C 108 -8.42 2.73 27.04
CA ARG C 108 -9.50 1.79 26.79
C ARG C 108 -10.23 2.06 25.49
N PHE C 109 -9.99 3.20 24.84
CA PHE C 109 -10.72 3.53 23.62
C PHE C 109 -10.16 2.79 22.41
N VAL C 110 -8.86 2.48 22.40
CA VAL C 110 -8.23 1.83 21.26
C VAL C 110 -7.96 0.36 21.52
N TRP C 111 -8.44 -0.19 22.65
CA TRP C 111 -8.36 -1.63 22.86
C TRP C 111 -9.23 -2.37 21.86
N VAL C 112 -10.48 -1.94 21.71
CA VAL C 112 -11.43 -2.61 20.80
C VAL C 112 -11.23 -1.96 19.43
N ALA C 113 -10.15 -2.38 18.75
CA ALA C 113 -9.84 -1.92 17.40
C ALA C 113 -8.75 -2.78 16.77
N ALA C 114 -8.85 -3.03 15.46
CA ALA C 114 -7.80 -3.70 14.72
C ALA C 114 -6.97 -2.73 13.88
N SER C 115 -7.08 -1.42 14.17
CA SER C 115 -6.36 -0.43 13.39
C SER C 115 -4.85 -0.56 13.56
N ALA C 116 -4.39 -0.73 14.81
CA ALA C 116 -2.96 -0.84 15.11
C ALA C 116 -2.21 0.39 14.58
N PHE C 117 -2.56 1.53 15.16
CA PHE C 117 -2.00 2.82 14.77
C PHE C 117 -0.49 2.76 14.66
N HIS C 118 0.03 2.95 13.45
CA HIS C 118 1.44 2.77 13.16
C HIS C 118 2.12 4.12 12.89
N PHE C 119 3.42 4.16 13.19
CA PHE C 119 4.20 5.38 13.32
C PHE C 119 5.66 5.10 12.97
N TRP C 120 6.58 5.78 13.67
CA TRP C 120 8.05 5.83 13.56
C TRP C 120 8.59 6.93 12.66
N GLY C 121 7.75 7.74 12.01
CA GLY C 121 8.16 9.04 11.50
C GLY C 121 9.54 9.17 10.90
N GLN C 122 10.37 10.01 11.52
CA GLN C 122 11.73 10.25 11.06
C GLN C 122 12.75 10.01 12.18
N GLY C 123 14.01 10.40 11.94
CA GLY C 123 15.07 10.22 12.90
C GLY C 123 15.62 11.54 13.44
N ILE C 124 16.63 11.40 14.31
CA ILE C 124 17.24 12.53 15.00
C ILE C 124 18.75 12.59 14.75
N LEU C 125 19.44 11.46 14.85
CA LEU C 125 20.87 11.34 14.57
C LEU C 125 21.69 12.25 15.49
N VAL C 126 21.68 11.90 16.78
CA VAL C 126 22.53 12.55 17.77
C VAL C 126 23.95 12.02 17.64
N THR C 127 24.93 12.92 17.69
CA THR C 127 26.35 12.57 17.63
C THR C 127 27.11 13.32 18.71
N VAL C 128 28.01 12.62 19.41
CA VAL C 128 28.82 13.20 20.45
C VAL C 128 30.29 13.04 20.09
N SER C 129 31.04 14.15 20.13
CA SER C 129 32.46 14.19 19.83
C SER C 129 32.99 15.59 20.06
N SER C 130 34.28 15.80 19.84
CA SER C 130 34.83 17.16 19.76
C SER C 130 34.22 17.79 18.52
N ALA C 131 33.25 18.71 18.72
CA ALA C 131 32.29 19.10 17.70
C ALA C 131 32.92 19.39 16.35
N SER C 132 33.75 20.43 16.27
CA SER C 132 34.44 20.83 15.04
C SER C 132 33.53 20.70 13.81
N THR C 133 32.41 21.41 13.87
CA THR C 133 31.42 21.35 12.79
C THR C 133 32.01 21.96 11.53
N LYS C 134 32.38 21.12 10.58
CA LYS C 134 33.07 21.54 9.37
C LYS C 134 32.09 21.67 8.21
N GLY C 135 32.49 22.48 7.22
CA GLY C 135 31.71 22.66 6.02
C GLY C 135 32.16 21.72 4.92
N PRO C 136 31.21 21.29 4.09
CA PRO C 136 31.52 20.29 3.07
C PRO C 136 32.28 20.86 1.88
N SER C 137 33.06 19.99 1.25
CA SER C 137 33.83 20.33 0.05
C SER C 137 33.32 19.45 -1.09
N VAL C 138 32.87 20.09 -2.17
CA VAL C 138 32.22 19.40 -3.27
C VAL C 138 33.12 19.41 -4.50
N PHE C 139 33.22 18.26 -5.17
CA PHE C 139 34.02 18.12 -6.39
C PHE C 139 33.19 17.39 -7.43
N PRO C 140 33.14 17.89 -8.67
CA PRO C 140 32.35 17.21 -9.70
C PRO C 140 33.10 16.08 -10.40
N LEU C 141 32.58 14.86 -10.30
CA LEU C 141 33.15 13.71 -10.99
C LEU C 141 32.63 13.71 -12.42
N ALA C 142 33.48 14.15 -13.36
CA ALA C 142 33.17 14.33 -14.76
C ALA C 142 33.99 13.37 -15.61
N PRO C 143 33.46 12.92 -16.76
CA PRO C 143 34.17 11.98 -17.64
C PRO C 143 35.43 12.58 -18.26
N THR C 152 27.35 3.76 -23.03
CA THR C 152 26.82 4.42 -21.84
C THR C 152 27.93 5.11 -21.06
N ALA C 153 27.54 5.92 -20.07
CA ALA C 153 28.48 6.66 -19.24
C ALA C 153 27.78 7.08 -17.96
N ALA C 154 28.54 7.73 -17.07
CA ALA C 154 28.01 8.19 -15.81
C ALA C 154 28.75 9.46 -15.39
N LEU C 155 28.19 10.14 -14.39
CA LEU C 155 28.80 11.33 -13.83
C LEU C 155 28.22 11.56 -12.44
N GLY C 156 28.99 12.22 -11.58
CA GLY C 156 28.56 12.38 -10.21
C GLY C 156 29.18 13.54 -9.49
N CYS C 157 29.05 13.50 -8.16
CA CYS C 157 29.57 14.54 -7.28
C CYS C 157 30.05 13.90 -5.99
N LEU C 158 31.17 14.41 -5.47
CA LEU C 158 31.83 13.87 -4.29
C LEU C 158 31.92 14.97 -3.23
N VAL C 159 31.39 14.69 -2.04
CA VAL C 159 31.34 15.64 -0.94
C VAL C 159 32.19 15.08 0.20
N LYS C 160 33.18 15.85 0.64
CA LYS C 160 34.18 15.35 1.56
C LYS C 160 34.49 16.41 2.62
N ASP C 161 35.07 15.94 3.73
CA ASP C 161 35.68 16.79 4.76
C ASP C 161 34.65 17.73 5.39
N TYR C 162 33.70 17.13 6.10
CA TYR C 162 32.73 17.89 6.87
C TYR C 162 32.20 17.03 8.01
N PHE C 163 31.49 17.68 8.94
CA PHE C 163 30.98 17.05 10.14
C PHE C 163 29.90 17.94 10.72
N PRO C 164 28.78 17.39 11.20
CA PRO C 164 28.43 15.96 11.18
C PRO C 164 27.89 15.50 9.82
N GLU C 165 27.17 14.37 9.79
CA GLU C 165 26.72 13.84 8.51
C GLU C 165 25.20 13.66 8.39
N PRO C 166 24.38 14.70 8.63
CA PRO C 166 22.99 14.66 8.14
C PRO C 166 22.87 15.27 6.75
N VAL C 167 23.64 14.74 5.81
CA VAL C 167 23.79 15.33 4.48
C VAL C 167 22.75 14.75 3.55
N THR C 168 22.28 15.57 2.60
CA THR C 168 21.37 15.13 1.56
C THR C 168 21.87 15.62 0.20
N VAL C 169 21.54 14.86 -0.84
CA VAL C 169 22.00 15.16 -2.19
C VAL C 169 20.84 14.95 -3.16
N SER C 170 20.69 15.88 -4.09
CA SER C 170 19.64 15.82 -5.10
C SER C 170 20.22 16.16 -6.47
N TRP C 171 19.52 15.73 -7.51
CA TRP C 171 19.91 15.99 -8.90
C TRP C 171 18.87 16.89 -9.54
N ASN C 172 19.28 18.10 -9.93
CA ASN C 172 18.39 19.11 -10.51
C ASN C 172 17.21 19.38 -9.59
N SER C 173 17.53 19.85 -8.38
CA SER C 173 16.56 20.20 -7.35
C SER C 173 15.68 19.03 -6.93
N GLY C 174 16.12 17.80 -7.22
CA GLY C 174 15.35 16.63 -6.86
C GLY C 174 14.41 16.12 -7.94
N ALA C 175 14.77 16.27 -9.21
CA ALA C 175 13.94 15.81 -10.31
C ALA C 175 14.40 14.47 -10.87
N LEU C 176 15.67 14.35 -11.25
CA LEU C 176 16.20 13.11 -11.81
C LEU C 176 16.43 12.10 -10.69
N THR C 177 15.71 10.98 -10.74
CA THR C 177 15.85 9.93 -9.74
C THR C 177 16.12 8.56 -10.36
N SER C 178 16.21 8.45 -11.67
CA SER C 178 16.45 7.18 -12.34
C SER C 178 17.94 6.95 -12.52
N GLY C 179 18.39 5.72 -12.25
CA GLY C 179 19.77 5.36 -12.41
C GLY C 179 20.73 6.01 -11.43
N VAL C 180 20.21 6.76 -10.45
CA VAL C 180 21.07 7.43 -9.48
C VAL C 180 21.50 6.43 -8.40
N HIS C 181 22.69 6.66 -7.86
CA HIS C 181 23.23 5.83 -6.78
C HIS C 181 23.90 6.76 -5.78
N THR C 182 23.36 6.83 -4.57
CA THR C 182 23.95 7.61 -3.48
C THR C 182 24.64 6.62 -2.54
N PHE C 183 25.95 6.72 -2.45
CA PHE C 183 26.75 5.76 -1.71
C PHE C 183 26.92 6.19 -0.25
N PRO C 184 27.15 5.24 0.65
CA PRO C 184 27.32 5.58 2.06
C PRO C 184 28.59 6.37 2.30
N ALA C 185 28.66 6.97 3.48
CA ALA C 185 29.80 7.80 3.86
C ALA C 185 30.98 6.94 4.29
N VAL C 186 32.17 7.54 4.24
CA VAL C 186 33.42 6.88 4.63
C VAL C 186 34.15 7.84 5.57
N LEU C 187 34.43 7.37 6.78
CA LEU C 187 35.18 8.14 7.76
C LEU C 187 36.67 7.91 7.58
N GLN C 188 37.46 8.98 7.77
CA GLN C 188 38.90 8.84 7.57
C GLN C 188 39.70 9.31 8.77
N SER C 189 41.02 9.39 8.63
CA SER C 189 41.98 9.65 9.70
C SER C 189 41.97 11.09 10.19
N SER C 190 41.05 11.96 9.76
CA SER C 190 41.00 13.33 10.25
C SER C 190 39.65 13.64 10.90
N GLY C 191 38.92 12.62 11.33
CA GLY C 191 37.60 12.84 11.92
C GLY C 191 36.60 13.41 10.94
N LEU C 192 36.78 13.16 9.65
CA LEU C 192 35.92 13.70 8.61
C LEU C 192 35.41 12.58 7.70
N TYR C 193 34.24 12.81 7.11
CA TYR C 193 33.58 11.82 6.28
C TYR C 193 33.54 12.28 4.83
N SER C 194 33.29 11.30 3.95
CA SER C 194 33.17 11.54 2.51
C SER C 194 31.96 10.76 1.99
N LEU C 195 31.52 11.14 0.79
CA LEU C 195 30.33 10.52 0.20
C LEU C 195 30.29 10.84 -1.29
N SER C 196 30.12 9.81 -2.11
CA SER C 196 29.99 9.96 -3.55
C SER C 196 28.54 9.71 -3.96
N SER C 197 28.12 10.37 -5.03
CA SER C 197 26.78 10.14 -5.57
C SER C 197 26.84 10.29 -7.08
N VAL C 198 26.44 9.24 -7.80
CA VAL C 198 26.61 9.18 -9.26
C VAL C 198 25.25 8.96 -9.91
N VAL C 199 25.23 9.15 -11.23
CA VAL C 199 24.04 8.92 -12.05
C VAL C 199 24.51 8.52 -13.44
N THR C 200 23.81 7.55 -14.03
CA THR C 200 24.14 7.01 -15.34
C THR C 200 23.29 7.65 -16.43
N VAL C 201 23.81 7.60 -17.65
CA VAL C 201 23.17 8.20 -18.82
C VAL C 201 23.82 7.62 -20.06
N PRO C 202 23.07 7.33 -21.12
CA PRO C 202 23.68 6.81 -22.35
C PRO C 202 24.75 7.74 -22.91
N SER C 203 25.64 7.17 -23.71
CA SER C 203 26.82 7.88 -24.21
C SER C 203 26.51 8.62 -25.51
N SER C 204 25.56 9.55 -25.42
CA SER C 204 25.20 10.38 -26.56
C SER C 204 24.90 11.84 -26.21
N SER C 205 25.06 12.25 -24.96
CA SER C 205 24.68 13.58 -24.51
C SER C 205 25.75 14.18 -23.61
N LEU C 206 27.01 14.14 -24.07
CA LEU C 206 28.10 14.68 -23.26
C LEU C 206 27.95 16.18 -23.07
N GLY C 207 28.10 16.95 -24.14
CA GLY C 207 27.88 18.38 -24.08
C GLY C 207 26.48 18.81 -24.50
N THR C 208 25.45 18.20 -23.94
CA THR C 208 24.08 18.46 -24.41
C THR C 208 23.16 19.01 -23.33
N GLN C 209 23.18 18.45 -22.13
CA GLN C 209 22.21 18.78 -21.10
C GLN C 209 22.89 19.54 -19.95
N THR C 210 22.06 20.12 -19.08
CA THR C 210 22.52 20.87 -17.92
C THR C 210 22.41 19.97 -16.70
N TYR C 211 23.50 19.29 -16.36
CA TYR C 211 23.55 18.40 -15.21
C TYR C 211 24.01 19.19 -13.98
N ILE C 212 23.17 19.25 -12.96
CA ILE C 212 23.46 20.01 -11.75
C ILE C 212 23.17 19.12 -10.54
N CYS C 213 24.12 19.06 -9.61
CA CYS C 213 23.97 18.34 -8.37
C CYS C 213 23.92 19.32 -7.21
N ASN C 214 23.01 19.07 -6.27
CA ASN C 214 22.81 19.94 -5.11
C ASN C 214 23.04 19.15 -3.83
N VAL C 215 23.75 19.78 -2.90
CA VAL C 215 24.11 19.16 -1.63
C VAL C 215 23.65 20.06 -0.50
N ASN C 216 22.91 19.50 0.45
CA ASN C 216 22.40 20.22 1.61
C ASN C 216 22.98 19.61 2.88
N HIS C 217 23.61 20.44 3.70
CA HIS C 217 24.13 20.06 5.00
C HIS C 217 23.49 20.96 6.04
N LYS C 218 22.75 20.35 6.98
CA LYS C 218 21.90 21.08 7.92
C LYS C 218 22.72 21.72 9.04
N PRO C 219 23.56 20.97 9.81
CA PRO C 219 24.26 21.63 10.93
C PRO C 219 25.51 22.36 10.47
N SER C 220 25.41 23.02 9.33
CA SER C 220 26.32 24.09 8.93
C SER C 220 25.62 25.11 8.07
N ASN C 221 24.32 24.95 7.81
CA ASN C 221 23.55 25.80 6.92
C ASN C 221 24.24 25.94 5.56
N THR C 222 24.61 24.80 4.99
CA THR C 222 25.40 24.78 3.75
C THR C 222 24.57 24.24 2.60
N LYS C 223 24.48 25.01 1.52
CA LYS C 223 23.79 24.62 0.30
C LYS C 223 24.77 24.82 -0.86
N VAL C 224 25.20 23.73 -1.47
CA VAL C 224 26.18 23.78 -2.55
C VAL C 224 25.53 23.26 -3.83
N ASP C 225 25.87 23.88 -4.95
CA ASP C 225 25.39 23.47 -6.27
C ASP C 225 26.56 23.41 -7.23
N LYS C 226 26.62 22.34 -8.02
CA LYS C 226 27.73 22.15 -8.94
C LYS C 226 27.22 21.59 -10.26
N ARG C 227 28.00 21.84 -11.32
CA ARG C 227 27.67 21.40 -12.67
C ARG C 227 28.79 20.51 -13.20
N VAL C 228 28.43 19.59 -14.09
CA VAL C 228 29.35 18.61 -14.66
C VAL C 228 29.54 18.93 -16.13
N GLU C 229 30.79 18.79 -16.60
CA GLU C 229 31.13 19.06 -17.99
C GLU C 229 32.37 18.26 -18.34
N PRO C 230 32.55 17.88 -19.62
CA PRO C 230 33.76 17.16 -20.04
C PRO C 230 35.01 18.01 -19.97
N MET D 1 17.74 -10.54 25.35
CA MET D 1 18.33 -10.42 24.02
C MET D 1 17.95 -11.62 23.16
N LEU D 2 17.37 -11.34 21.98
CA LEU D 2 16.86 -12.39 21.11
C LEU D 2 17.98 -12.92 20.20
N THR D 3 17.63 -13.93 19.41
CA THR D 3 18.58 -14.51 18.47
C THR D 3 18.75 -13.60 17.25
N GLN D 4 19.86 -13.78 16.55
CA GLN D 4 20.24 -12.93 15.42
C GLN D 4 20.71 -13.76 14.24
N PRO D 5 19.82 -14.47 13.57
CA PRO D 5 20.15 -15.00 12.23
C PRO D 5 20.34 -13.87 11.24
N PRO D 6 21.56 -13.67 10.75
CA PRO D 6 21.89 -12.39 10.10
C PRO D 6 21.37 -12.24 8.69
N SER D 7 21.23 -13.34 7.95
CA SER D 7 20.91 -13.23 6.54
C SER D 7 20.07 -14.42 6.07
N ALA D 8 19.14 -14.14 5.17
CA ALA D 8 18.38 -15.17 4.46
C ALA D 8 18.40 -14.84 2.98
N SER D 9 18.30 -15.89 2.16
CA SER D 9 18.38 -15.76 0.72
C SER D 9 17.25 -16.52 0.05
N GLY D 10 16.93 -16.12 -1.18
CA GLY D 10 15.88 -16.80 -1.92
C GLY D 10 15.74 -16.20 -3.30
N THR D 11 14.70 -16.64 -4.00
CA THR D 11 14.37 -16.21 -5.34
C THR D 11 12.98 -15.58 -5.35
N PRO D 12 12.65 -14.76 -6.36
CA PRO D 12 11.30 -14.21 -6.45
C PRO D 12 10.23 -15.29 -6.51
N GLY D 13 9.40 -15.36 -5.46
CA GLY D 13 8.39 -16.40 -5.37
C GLY D 13 8.92 -17.71 -4.86
N GLN D 14 9.58 -17.68 -3.69
CA GLN D 14 10.16 -18.87 -3.09
C GLN D 14 9.69 -19.12 -1.66
N ARG D 15 9.04 -18.14 -1.02
CA ARG D 15 8.55 -18.27 0.35
C ARG D 15 9.69 -18.58 1.32
N VAL D 16 10.60 -17.62 1.44
CA VAL D 16 11.70 -17.72 2.38
C VAL D 16 11.18 -17.44 3.79
N THR D 17 11.84 -18.04 4.79
CA THR D 17 11.44 -17.91 6.18
C THR D 17 12.61 -17.43 7.02
N ILE D 18 12.31 -16.54 7.97
CA ILE D 18 13.29 -16.03 8.92
C ILE D 18 12.79 -16.34 10.32
N SER D 19 13.67 -16.88 11.16
CA SER D 19 13.30 -17.32 12.49
C SER D 19 13.76 -16.32 13.54
N CYS D 20 13.05 -16.32 14.68
CA CYS D 20 13.39 -15.47 15.82
C CYS D 20 13.07 -16.26 17.08
N SER D 21 14.11 -16.70 17.79
CA SER D 21 13.96 -17.53 18.98
C SER D 21 14.32 -16.73 20.23
N GLY D 22 13.94 -17.29 21.37
CA GLY D 22 14.22 -16.64 22.64
C GLY D 22 13.88 -17.55 23.80
N SER D 23 13.63 -16.93 24.94
CA SER D 23 13.30 -17.63 26.17
C SER D 23 11.91 -17.21 26.65
N SER D 24 11.51 -17.78 27.79
CA SER D 24 10.21 -17.44 28.37
C SER D 24 10.18 -16.02 28.92
N SER D 25 11.35 -15.40 29.12
CA SER D 25 11.38 -14.02 29.61
C SER D 25 10.96 -13.04 28.53
N ASN D 26 11.19 -13.37 27.26
CA ASN D 26 10.86 -12.48 26.15
C ASN D 26 9.80 -13.04 25.24
N ILE D 27 9.97 -14.26 24.73
CA ILE D 27 8.99 -14.82 23.80
C ILE D 27 7.71 -15.21 24.53
N GLY D 28 7.82 -16.13 25.49
CA GLY D 28 6.65 -16.53 26.25
C GLY D 28 5.61 -17.19 25.37
N GLY D 29 4.34 -16.96 25.70
CA GLY D 29 3.97 -16.15 26.84
C GLY D 29 3.70 -14.69 26.52
N ASN D 30 4.38 -14.17 25.50
CA ASN D 30 4.25 -12.78 25.10
C ASN D 30 4.10 -12.71 23.59
N THR D 31 3.82 -11.50 23.10
CA THR D 31 3.62 -11.26 21.68
C THR D 31 4.89 -10.68 21.05
N VAL D 32 5.17 -11.08 19.82
CA VAL D 32 6.33 -10.59 19.08
C VAL D 32 5.84 -9.70 17.95
N HIS D 33 6.76 -8.93 17.38
CA HIS D 33 6.45 -7.97 16.34
C HIS D 33 7.53 -8.02 15.27
N TRP D 34 7.18 -7.53 14.08
CA TRP D 34 8.10 -7.53 12.94
C TRP D 34 8.01 -6.19 12.21
N PHE D 35 9.14 -5.78 11.65
CA PHE D 35 9.23 -4.50 10.96
C PHE D 35 10.06 -4.67 9.69
N GLN D 36 9.79 -3.80 8.72
CA GLN D 36 10.50 -3.80 7.43
C GLN D 36 11.16 -2.45 7.24
N GLN D 37 12.47 -2.46 7.02
CA GLN D 37 13.25 -1.24 6.81
C GLN D 37 13.79 -1.26 5.39
N LEU D 38 13.16 -0.50 4.50
CA LEU D 38 13.65 -0.39 3.15
C LEU D 38 15.02 0.31 3.15
N PRO D 39 15.96 -0.12 2.31
CA PRO D 39 17.31 0.48 2.34
C PRO D 39 17.29 1.97 2.02
N GLY D 40 17.63 2.79 3.02
CA GLY D 40 17.68 4.23 2.85
C GLY D 40 16.50 4.98 3.41
N THR D 41 15.45 4.30 3.87
CA THR D 41 14.26 4.97 4.36
C THR D 41 13.86 4.49 5.74
N ALA D 42 12.68 4.92 6.20
CA ALA D 42 12.21 4.61 7.55
C ALA D 42 11.49 3.27 7.58
N PRO D 43 11.45 2.61 8.74
CA PRO D 43 10.77 1.31 8.83
C PRO D 43 9.26 1.44 8.73
N LYS D 44 8.63 0.32 8.37
CA LYS D 44 7.18 0.20 8.29
C LYS D 44 6.74 -1.03 9.05
N LEU D 45 5.69 -0.88 9.86
CA LEU D 45 5.18 -2.00 10.64
C LEU D 45 4.56 -3.05 9.73
N LEU D 46 4.87 -4.32 9.99
CA LEU D 46 4.38 -5.43 9.18
C LEU D 46 3.53 -6.41 9.96
N ILE D 47 3.98 -6.85 11.14
CA ILE D 47 3.32 -7.91 11.89
C ILE D 47 3.25 -7.52 13.36
N TYR D 48 2.06 -7.62 13.94
CA TYR D 48 1.86 -7.44 15.37
C TYR D 48 0.96 -8.57 15.88
N THR D 49 1.08 -8.87 17.18
CA THR D 49 0.39 -9.99 17.81
C THR D 49 0.72 -11.32 17.13
N ASN D 50 1.90 -11.37 16.49
CA ASN D 50 2.53 -12.57 15.95
C ASN D 50 1.84 -13.11 14.70
N SER D 51 0.65 -12.60 14.38
CA SER D 51 0.00 -13.02 13.14
C SER D 51 -0.82 -11.94 12.46
N LEU D 52 -0.85 -10.71 12.98
CA LEU D 52 -1.74 -9.67 12.47
C LEU D 52 -0.95 -8.60 11.74
N ARG D 53 -1.57 -8.04 10.69
CA ARG D 53 -0.90 -7.07 9.84
C ARG D 53 -1.68 -5.77 9.79
N PRO D 54 -0.98 -4.63 9.73
CA PRO D 54 -1.67 -3.34 9.54
C PRO D 54 -2.19 -3.15 8.12
N SER D 55 -2.67 -1.95 7.82
CA SER D 55 -3.36 -1.69 6.56
C SER D 55 -2.46 -1.96 5.35
N GLY D 56 -1.34 -1.25 5.25
CA GLY D 56 -0.55 -1.24 4.03
C GLY D 56 0.33 -2.45 3.77
N VAL D 57 -0.04 -3.60 4.32
CA VAL D 57 0.72 -4.84 4.16
C VAL D 57 -0.04 -5.75 3.22
N PRO D 58 0.53 -6.15 2.08
CA PRO D 58 -0.13 -7.15 1.24
C PRO D 58 -0.19 -8.50 1.93
N ASP D 59 -1.18 -9.30 1.52
CA ASP D 59 -1.41 -10.60 2.14
C ASP D 59 -0.32 -11.62 1.85
N ARG D 60 0.70 -11.26 1.07
CA ARG D 60 1.80 -12.18 0.80
C ARG D 60 2.69 -12.38 2.03
N PHE D 61 2.71 -11.44 2.96
CA PHE D 61 3.49 -11.57 4.17
C PHE D 61 2.67 -12.28 5.24
N SER D 62 3.37 -12.97 6.14
CA SER D 62 2.71 -13.71 7.21
C SER D 62 3.70 -14.00 8.32
N GLY D 63 3.19 -14.00 9.56
CA GLY D 63 3.99 -14.30 10.72
C GLY D 63 3.42 -15.46 11.50
N SER D 64 4.24 -16.00 12.41
CA SER D 64 3.84 -17.16 13.21
C SER D 64 4.54 -17.12 14.56
N LYS D 65 4.18 -18.07 15.40
CA LYS D 65 4.78 -18.21 16.73
C LYS D 65 4.58 -19.65 17.19
N SER D 66 5.67 -20.38 17.34
CA SER D 66 5.63 -21.79 17.73
C SER D 66 6.31 -21.94 19.10
N GLY D 67 5.50 -22.02 20.15
CA GLY D 67 6.02 -22.19 21.50
C GLY D 67 6.90 -21.04 21.94
N THR D 68 8.20 -21.28 22.05
CA THR D 68 9.17 -20.27 22.43
C THR D 68 9.96 -19.74 21.24
N SER D 69 9.47 -19.97 20.02
CA SER D 69 10.16 -19.53 18.81
C SER D 69 9.15 -19.00 17.82
N ALA D 70 9.48 -17.89 17.18
CA ALA D 70 8.65 -17.26 16.16
C ALA D 70 9.32 -17.35 14.80
N SER D 71 8.56 -17.01 13.76
CA SER D 71 9.06 -17.07 12.40
C SER D 71 8.32 -16.06 11.54
N LEU D 72 8.97 -15.66 10.44
CA LEU D 72 8.41 -14.71 9.49
C LEU D 72 8.48 -15.31 8.10
N ALA D 73 7.37 -15.26 7.38
CA ALA D 73 7.26 -15.83 6.04
C ALA D 73 6.81 -14.79 5.05
N ILE D 74 7.34 -14.86 3.83
CA ILE D 74 7.01 -13.95 2.74
C ILE D 74 6.74 -14.78 1.50
N SER D 75 5.48 -14.86 1.09
CA SER D 75 5.10 -15.75 0.00
C SER D 75 5.38 -15.13 -1.37
N GLY D 76 4.71 -14.02 -1.69
CA GLY D 76 4.83 -13.43 -3.00
C GLY D 76 5.86 -12.32 -3.11
N LEU D 77 7.11 -12.63 -2.79
CA LEU D 77 8.16 -11.62 -2.82
C LEU D 77 8.58 -11.33 -4.26
N GLN D 78 9.00 -10.09 -4.49
CA GLN D 78 9.42 -9.62 -5.81
C GLN D 78 10.62 -8.70 -5.62
N SER D 79 10.96 -7.96 -6.68
CA SER D 79 12.15 -7.12 -6.65
C SER D 79 11.99 -5.93 -5.72
N GLU D 80 10.76 -5.49 -5.47
CA GLU D 80 10.49 -4.31 -4.64
C GLU D 80 10.36 -4.65 -3.16
N ASP D 81 10.94 -5.77 -2.70
CA ASP D 81 10.85 -6.15 -1.31
C ASP D 81 12.21 -6.47 -0.69
N GLU D 82 13.30 -6.15 -1.37
CA GLU D 82 14.65 -6.35 -0.83
C GLU D 82 14.91 -5.26 0.20
N ALA D 83 14.93 -5.64 1.48
CA ALA D 83 15.03 -4.66 2.56
C ALA D 83 15.55 -5.35 3.80
N ASP D 84 15.66 -4.57 4.88
CA ASP D 84 16.05 -5.07 6.19
C ASP D 84 14.82 -5.51 6.95
N TYR D 85 14.96 -6.59 7.74
CA TYR D 85 13.87 -7.14 8.51
C TYR D 85 14.37 -7.49 9.90
N TYR D 86 13.74 -6.92 10.92
CA TYR D 86 14.15 -7.10 12.30
C TYR D 86 13.06 -7.79 13.10
N CYS D 87 13.45 -8.37 14.24
CA CYS D 87 12.54 -9.01 15.17
C CYS D 87 12.39 -8.16 16.42
N ALA D 88 11.24 -8.33 17.09
CA ALA D 88 10.95 -7.54 18.29
C ALA D 88 9.97 -8.30 19.16
N ALA D 89 10.06 -8.07 20.47
CA ALA D 89 9.21 -8.74 21.44
C ALA D 89 9.34 -8.03 22.78
N TRP D 90 8.28 -8.12 23.59
CA TRP D 90 8.28 -7.56 24.93
C TRP D 90 8.87 -8.56 25.90
N ASP D 91 9.75 -8.09 26.78
CA ASP D 91 10.42 -8.94 27.77
C ASP D 91 9.66 -8.87 29.09
N ASP D 92 9.57 -10.01 29.76
CA ASP D 92 8.83 -10.09 31.02
C ASP D 92 9.65 -9.53 32.18
N SER D 93 10.83 -10.08 32.42
CA SER D 93 11.69 -9.58 33.48
C SER D 93 12.15 -8.16 33.18
N LEU D 94 12.84 -7.98 32.05
CA LEU D 94 13.20 -6.63 31.59
C LEU D 94 11.93 -5.92 31.15
N ASN D 95 11.48 -4.94 31.94
CA ASN D 95 10.21 -4.29 31.66
C ASN D 95 10.31 -3.40 30.43
N GLY D 96 10.37 -4.02 29.26
CA GLY D 96 10.49 -3.29 28.02
C GLY D 96 10.54 -4.24 26.84
N GLN D 97 10.62 -3.66 25.65
CA GLN D 97 10.67 -4.44 24.42
C GLN D 97 12.11 -4.73 24.05
N VAL D 98 12.45 -6.01 23.99
CA VAL D 98 13.79 -6.45 23.61
C VAL D 98 13.73 -6.98 22.18
N PHE D 99 14.70 -6.59 21.37
CA PHE D 99 14.67 -6.89 19.94
C PHE D 99 15.66 -8.01 19.61
N GLY D 100 15.63 -8.42 18.34
CA GLY D 100 16.60 -9.34 17.80
C GLY D 100 17.78 -8.61 17.18
N GLY D 101 18.59 -9.37 16.45
CA GLY D 101 19.74 -8.80 15.80
C GLY D 101 19.42 -8.11 14.49
N GLY D 102 18.67 -8.79 13.63
CA GLY D 102 18.30 -8.26 12.34
C GLY D 102 18.64 -9.22 11.22
N THR D 103 18.09 -8.92 10.05
CA THR D 103 18.29 -9.76 8.88
C THR D 103 18.32 -8.92 7.62
N LYS D 104 19.40 -9.06 6.85
CA LYS D 104 19.55 -8.44 5.53
C LYS D 104 19.40 -9.51 4.48
N LEU D 105 18.32 -9.45 3.70
CA LEU D 105 18.05 -10.43 2.67
C LEU D 105 18.22 -9.81 1.28
N THR D 106 18.61 -10.65 0.32
CA THR D 106 18.80 -10.23 -1.05
C THR D 106 18.37 -11.37 -1.97
N VAL D 107 17.62 -11.03 -3.01
CA VAL D 107 17.14 -12.07 -3.93
C VAL D 107 18.29 -12.62 -4.75
N LEU D 108 18.10 -13.82 -5.28
CA LEU D 108 19.07 -14.43 -6.18
C LEU D 108 18.99 -13.70 -7.51
N GLY D 109 19.95 -12.81 -7.77
CA GLY D 109 19.98 -12.06 -9.00
C GLY D 109 20.67 -12.84 -10.10
N GLN D 110 20.00 -12.96 -11.23
CA GLN D 110 20.65 -13.49 -12.42
C GLN D 110 21.90 -12.64 -12.70
N PRO D 111 23.03 -13.27 -13.07
CA PRO D 111 24.27 -12.49 -13.19
C PRO D 111 24.21 -11.48 -14.32
N LYS D 112 24.08 -10.21 -13.96
CA LYS D 112 24.00 -9.15 -14.95
C LYS D 112 25.33 -9.00 -15.67
N ALA D 113 25.32 -8.20 -16.73
CA ALA D 113 26.53 -7.93 -17.48
C ALA D 113 27.58 -7.27 -16.57
N ALA D 114 28.81 -7.24 -17.07
CA ALA D 114 29.88 -6.58 -16.33
C ALA D 114 29.48 -5.15 -15.99
N PRO D 115 29.81 -4.65 -14.81
CA PRO D 115 29.32 -3.34 -14.40
C PRO D 115 29.75 -2.23 -15.35
N SER D 116 28.99 -1.14 -15.34
CA SER D 116 29.28 0.00 -16.19
C SER D 116 30.49 0.74 -15.65
N VAL D 117 31.67 0.14 -15.80
CA VAL D 117 32.89 0.72 -15.24
C VAL D 117 33.26 1.98 -16.00
N THR D 118 33.43 3.07 -15.26
CA THR D 118 33.82 4.35 -15.84
C THR D 118 34.88 4.98 -14.96
N LEU D 119 36.07 5.18 -15.51
CA LEU D 119 37.17 5.76 -14.75
C LEU D 119 37.06 7.28 -14.77
N PHE D 120 37.34 7.90 -13.63
CA PHE D 120 37.23 9.35 -13.47
C PHE D 120 38.53 9.90 -12.93
N PRO D 121 39.24 10.75 -13.68
CA PRO D 121 40.41 11.43 -13.12
C PRO D 121 39.97 12.57 -12.23
N PRO D 122 40.79 12.96 -11.25
CA PRO D 122 40.41 14.07 -10.38
C PRO D 122 40.32 15.38 -11.15
N SER D 123 39.33 16.19 -10.80
CA SER D 123 39.11 17.45 -11.49
C SER D 123 40.23 18.44 -11.16
N SER D 124 40.25 19.56 -11.90
CA SER D 124 41.27 20.56 -11.67
C SER D 124 41.07 21.30 -10.35
N GLU D 125 39.82 21.39 -9.87
CA GLU D 125 39.55 22.06 -8.61
C GLU D 125 39.78 21.17 -7.40
N GLU D 126 39.73 19.85 -7.57
CA GLU D 126 39.98 18.96 -6.44
C GLU D 126 41.43 19.05 -5.97
N LEU D 127 42.37 19.20 -6.90
CA LEU D 127 43.78 19.31 -6.55
C LEU D 127 44.10 20.63 -5.85
N GLN D 128 43.22 21.63 -5.95
CA GLN D 128 43.47 22.93 -5.34
C GLN D 128 43.31 22.91 -3.83
N ALA D 129 42.73 21.86 -3.26
CA ALA D 129 42.52 21.75 -1.82
C ALA D 129 43.57 20.86 -1.16
N ASN D 130 44.77 20.79 -1.72
CA ASN D 130 45.88 19.99 -1.19
C ASN D 130 45.53 18.51 -1.09
N LYS D 131 44.55 18.05 -1.88
CA LYS D 131 44.15 16.65 -1.87
C LYS D 131 43.85 16.20 -3.29
N ALA D 132 43.85 14.89 -3.49
CA ALA D 132 43.53 14.30 -4.78
C ALA D 132 42.69 13.05 -4.56
N THR D 133 41.89 12.72 -5.57
CA THR D 133 41.00 11.56 -5.48
C THR D 133 40.72 11.03 -6.87
N LEU D 134 41.16 9.81 -7.14
CA LEU D 134 40.89 9.12 -8.39
C LEU D 134 39.75 8.13 -8.17
N VAL D 135 38.62 8.38 -8.83
CA VAL D 135 37.41 7.59 -8.65
C VAL D 135 37.29 6.61 -9.80
N CYS D 136 37.01 5.34 -9.47
CA CYS D 136 36.82 4.29 -10.46
C CYS D 136 35.62 3.47 -10.01
N LEU D 137 34.44 3.79 -10.54
CA LEU D 137 33.18 3.20 -10.08
C LEU D 137 32.78 2.03 -10.97
N ILE D 138 31.90 1.19 -10.42
CA ILE D 138 31.33 0.06 -11.15
C ILE D 138 29.90 -0.12 -10.67
N SER D 139 28.94 0.10 -11.57
CA SER D 139 27.52 0.10 -11.21
C SER D 139 26.76 -0.94 -12.04
N ASP D 140 25.61 -1.35 -11.50
CA ASP D 140 24.70 -2.30 -12.15
C ASP D 140 25.39 -3.64 -12.42
N PHE D 141 25.78 -4.31 -11.33
CA PHE D 141 26.41 -5.62 -11.41
C PHE D 141 25.90 -6.50 -10.29
N TYR D 142 26.26 -7.78 -10.35
CA TYR D 142 25.85 -8.78 -9.37
C TYR D 142 26.77 -9.98 -9.50
N PRO D 143 27.17 -10.63 -8.40
CA PRO D 143 26.83 -10.26 -7.02
C PRO D 143 27.81 -9.25 -6.41
N GLY D 144 27.78 -9.13 -5.08
CA GLY D 144 28.67 -8.21 -4.39
C GLY D 144 30.10 -8.69 -4.25
N ALA D 145 30.39 -9.92 -4.65
CA ALA D 145 31.75 -10.47 -4.57
C ALA D 145 32.59 -9.86 -5.68
N VAL D 146 33.50 -8.96 -5.31
CA VAL D 146 34.37 -8.29 -6.27
C VAL D 146 35.58 -7.78 -5.53
N THR D 147 36.68 -7.56 -6.27
CA THR D 147 37.92 -7.07 -5.68
C THR D 147 38.59 -6.15 -6.70
N VAL D 148 38.81 -4.89 -6.30
CA VAL D 148 39.43 -3.90 -7.15
C VAL D 148 40.88 -3.72 -6.71
N ALA D 149 41.80 -3.76 -7.67
CA ALA D 149 43.22 -3.63 -7.42
C ALA D 149 43.74 -2.35 -8.06
N TRP D 150 44.21 -1.42 -7.24
CA TRP D 150 44.82 -0.19 -7.73
C TRP D 150 46.29 -0.43 -8.07
N LYS D 151 46.75 0.22 -9.14
CA LYS D 151 48.13 0.07 -9.63
C LYS D 151 48.71 1.47 -9.89
N ALA D 152 49.40 2.01 -8.88
CA ALA D 152 50.12 3.27 -9.03
C ALA D 152 51.43 2.98 -9.76
N ASP D 153 51.43 3.21 -11.08
CA ASP D 153 52.56 2.87 -11.94
C ASP D 153 52.89 1.38 -11.84
N SER D 154 51.87 0.55 -12.09
CA SER D 154 52.00 -0.91 -12.03
C SER D 154 52.47 -1.39 -10.66
N SER D 155 52.12 -0.65 -9.61
CA SER D 155 52.49 -1.00 -8.25
C SER D 155 51.27 -0.78 -7.36
N PRO D 156 50.92 -1.73 -6.50
CA PRO D 156 49.74 -1.57 -5.64
C PRO D 156 50.01 -0.64 -4.47
N VAL D 157 48.92 -0.23 -3.83
CA VAL D 157 48.99 0.66 -2.68
C VAL D 157 48.57 -0.11 -1.43
N LYS D 158 48.76 0.51 -0.27
CA LYS D 158 48.42 -0.09 1.01
C LYS D 158 47.86 1.00 1.92
N ALA D 159 46.63 0.81 2.38
CA ALA D 159 45.95 1.77 3.26
C ALA D 159 45.90 3.17 2.66
N GLU D 162 36.23 2.53 -0.41
CA GLU D 162 35.23 2.07 -1.36
C GLU D 162 33.82 2.22 -0.79
N THR D 163 32.83 2.14 -1.66
CA THR D 163 31.44 2.30 -1.25
C THR D 163 30.55 1.44 -2.14
N THR D 164 29.47 0.93 -1.56
CA THR D 164 28.56 0.05 -2.27
C THR D 164 27.15 0.23 -1.74
N THR D 165 26.19 0.37 -2.64
CA THR D 165 24.78 0.52 -2.30
C THR D 165 24.08 -0.84 -2.31
N PRO D 166 22.92 -0.93 -1.66
CA PRO D 166 22.19 -2.21 -1.66
C PRO D 166 21.49 -2.48 -2.98
N SER D 167 20.71 -3.56 -3.04
CA SER D 167 20.03 -3.92 -4.28
C SER D 167 19.02 -2.85 -4.68
N LYS D 168 18.92 -2.61 -5.98
CA LYS D 168 17.94 -1.66 -6.49
C LYS D 168 16.53 -2.23 -6.33
N GLN D 169 15.57 -1.31 -6.16
CA GLN D 169 14.19 -1.73 -5.93
C GLN D 169 13.56 -2.40 -7.13
N SER D 170 14.11 -2.21 -8.33
CA SER D 170 13.52 -2.73 -9.55
C SER D 170 14.35 -3.77 -10.27
N ASN D 171 15.67 -3.80 -10.08
CA ASN D 171 16.52 -4.72 -10.83
C ASN D 171 17.58 -5.42 -10.00
N ASN D 172 17.65 -5.18 -8.69
CA ASN D 172 18.62 -5.84 -7.80
C ASN D 172 20.06 -5.60 -8.27
N LYS D 173 20.32 -4.45 -8.87
CA LYS D 173 21.65 -4.13 -9.36
C LYS D 173 22.48 -3.49 -8.26
N TYR D 174 23.71 -3.97 -8.09
CA TYR D 174 24.64 -3.37 -7.16
C TYR D 174 25.45 -2.26 -7.84
N ALA D 175 26.22 -1.54 -7.03
CA ALA D 175 27.07 -0.46 -7.54
C ALA D 175 28.19 -0.24 -6.56
N ALA D 176 29.42 -0.18 -7.06
CA ALA D 176 30.60 0.03 -6.24
C ALA D 176 31.40 1.21 -6.79
N SER D 177 32.16 1.84 -5.91
CA SER D 177 32.95 3.01 -6.29
C SER D 177 34.09 3.18 -5.28
N SER D 178 35.32 3.19 -5.76
CA SER D 178 36.49 3.35 -4.91
C SER D 178 37.07 4.75 -5.05
N TYR D 179 37.59 5.28 -3.95
CA TYR D 179 38.17 6.62 -3.91
C TYR D 179 39.56 6.53 -3.30
N LEU D 180 40.58 6.65 -4.15
CA LEU D 180 41.97 6.63 -3.70
C LEU D 180 42.41 8.06 -3.45
N SER D 181 42.66 8.39 -2.18
CA SER D 181 42.99 9.74 -1.76
C SER D 181 44.45 9.83 -1.36
N LEU D 182 45.16 10.83 -1.91
CA LEU D 182 46.55 11.10 -1.60
C LEU D 182 46.74 12.60 -1.48
N THR D 183 47.96 13.01 -1.18
CA THR D 183 48.32 14.42 -1.12
C THR D 183 48.90 14.86 -2.46
N PRO D 184 49.03 16.18 -2.68
CA PRO D 184 49.60 16.64 -3.95
C PRO D 184 51.04 16.22 -4.15
N GLU D 185 51.79 16.01 -3.07
CA GLU D 185 53.15 15.49 -3.22
C GLU D 185 53.15 14.03 -3.62
N GLN D 186 52.16 13.26 -3.16
CA GLN D 186 52.04 11.86 -3.50
C GLN D 186 51.17 11.59 -4.71
N TRP D 187 50.45 12.60 -5.20
CA TRP D 187 49.63 12.44 -6.39
C TRP D 187 50.39 12.75 -7.68
N LYS D 188 51.18 13.81 -7.68
CA LYS D 188 51.98 14.19 -8.84
C LYS D 188 53.27 13.40 -8.97
N SER D 189 53.51 12.44 -8.07
CA SER D 189 54.71 11.62 -8.13
C SER D 189 54.55 10.40 -9.03
N HIS D 190 53.34 10.11 -9.49
CA HIS D 190 53.06 9.01 -10.40
C HIS D 190 52.40 9.55 -11.66
N ARG D 191 52.38 8.71 -12.70
CA ARG D 191 51.89 9.13 -14.01
C ARG D 191 50.72 8.31 -14.52
N SER D 192 50.71 7.00 -14.30
CA SER D 192 49.68 6.11 -14.83
C SER D 192 48.93 5.45 -13.70
N TYR D 193 47.61 5.63 -13.67
CA TYR D 193 46.74 5.03 -12.67
C TYR D 193 45.72 4.14 -13.36
N SER D 194 45.46 2.97 -12.77
CA SER D 194 44.54 2.01 -13.36
C SER D 194 43.85 1.23 -12.25
N CYS D 195 42.64 0.76 -12.56
CA CYS D 195 41.86 -0.04 -11.63
C CYS D 195 41.46 -1.34 -12.31
N GLN D 196 41.93 -2.46 -11.77
CA GLN D 196 41.58 -3.79 -12.24
C GLN D 196 40.45 -4.37 -11.39
N VAL D 197 39.83 -5.41 -11.92
CA VAL D 197 38.70 -6.06 -11.25
C VAL D 197 38.84 -7.57 -11.39
N THR D 198 38.52 -8.30 -10.33
CA THR D 198 38.48 -9.75 -10.33
C THR D 198 37.09 -10.25 -9.95
N HIS D 199 36.06 -9.62 -10.53
CA HIS D 199 34.69 -9.99 -10.24
C HIS D 199 34.36 -11.35 -10.86
N GLU D 200 33.42 -12.05 -10.24
CA GLU D 200 33.00 -13.38 -10.69
C GLU D 200 32.07 -13.34 -11.90
N GLY D 201 31.96 -12.20 -12.58
CA GLY D 201 31.06 -12.09 -13.71
C GLY D 201 31.74 -11.80 -15.02
N SER D 202 33.07 -11.78 -15.03
CA SER D 202 33.86 -11.54 -16.22
C SER D 202 34.94 -12.60 -16.36
N THR D 203 35.56 -12.64 -17.53
CA THR D 203 36.59 -13.64 -17.80
C THR D 203 37.94 -13.23 -17.24
N VAL D 204 38.47 -12.09 -17.70
CA VAL D 204 39.77 -11.59 -17.28
C VAL D 204 39.57 -10.24 -16.58
N GLU D 205 40.66 -9.73 -16.03
CA GLU D 205 40.62 -8.48 -15.28
C GLU D 205 40.46 -7.30 -16.25
N LYS D 206 39.34 -6.59 -16.15
CA LYS D 206 39.11 -5.41 -16.96
C LYS D 206 39.84 -4.21 -16.36
N THR D 207 40.53 -3.46 -17.21
CA THR D 207 41.37 -2.35 -16.78
C THR D 207 40.99 -1.08 -17.53
N VAL D 208 40.78 0.00 -16.78
CA VAL D 208 40.56 1.33 -17.34
C VAL D 208 41.55 2.28 -16.68
N ALA D 209 42.20 3.11 -17.49
CA ALA D 209 43.31 3.94 -17.00
C ALA D 209 43.28 5.35 -17.60
N PRO D 210 43.26 6.38 -16.76
CA PRO D 210 43.45 7.74 -17.25
C PRO D 210 44.92 8.16 -17.16
N THR D 211 45.20 9.34 -17.69
CA THR D 211 46.55 9.88 -17.69
C THR D 211 46.51 11.36 -17.34
N GLU D 212 47.62 11.86 -16.82
CA GLU D 212 47.70 13.26 -16.41
C GLU D 212 47.78 14.17 -17.64
N CYS D 213 46.90 15.16 -17.69
CA CYS D 213 46.85 16.12 -18.79
C CYS D 213 46.69 15.44 -20.15
C1 NAG E . -16.01 3.12 20.37
C2 NAG E . -16.50 4.54 20.10
C3 NAG E . -16.06 4.99 18.72
C4 NAG E . -14.56 4.80 18.53
C5 NAG E . -14.17 3.37 18.88
C6 NAG E . -12.68 3.13 18.84
C7 NAG E . -18.58 4.85 21.39
C8 NAG E . -20.07 4.92 21.32
N2 NAG E . -17.95 4.63 20.23
O3 NAG E . -16.39 6.36 18.52
O4 NAG E . -14.20 5.06 17.18
O5 NAG E . -14.60 3.05 20.21
O6 NAG E . -12.33 1.87 19.42
O7 NAG E . -17.97 5.00 22.44
#